data_3SQN
#
_entry.id   3SQN
#
_cell.length_a   63.803
_cell.length_b   101.759
_cell.length_c   89.902
_cell.angle_alpha   90.000
_cell.angle_beta   96.750
_cell.angle_gamma   90.000
#
_symmetry.space_group_name_H-M   'P 1 21 1'
#
loop_
_entity.id
_entity.type
_entity.pdbx_description
1 polymer 'Conserved domain protein'
2 water water
#
_entity_poly.entity_id   1
_entity_poly.type   'polypeptide(L)'
_entity_poly.pdbx_seq_one_letter_code
;SNA(MSE)YS(MSE)LKRVITEKDLLRQIRLLEQLLNVPQLTAKRLAAQIQTTERTVFSDLQYIRSQLPADWSIETDSSG
IRLRNQGNAQTNELWSLFLPQSISIQLLKELLFTKELVTTSFLSTSGVSYETLKRHIKK(MSE)NQALRDFHLTIQLTT
(MSE)TIQLIGAESNIRIFYHRLLVPFTHNNYFFDDYSIHEEHYFQFLKQVYSSELTVETEEIFGACWFFINTIRNKANC
RVSQFSFDSKDVLFQLYQPSLAKLYASEGIYLQGEESFFAFFCFLESWNYDNVYGETLASALHTHYSQLRKSLQQFVTNL
STEEARPDLIQTNLLDNLLLLFIKYTESPTLSEQFQLEYQEL(MSE)TEQAAEDLALSKSNQELLEILSRYTTIEEPTYF
LSLASLLEKQAIYSIQAQT(MSE)TAYFLFQGEPAWKAFLQQELAAYLGTRVKLQAIEYVELSQLTLNEADIIISNFPLD
HLDLPVFYLSLIPTKNELRRLAELTLHSYF
;
_entity_poly.pdbx_strand_id   A,B
#
# COMPACT_ATOMS: atom_id res chain seq x y z
N MSE A 4 -2.31 20.60 -13.06
CA MSE A 4 -1.37 19.53 -13.44
C MSE A 4 -0.48 20.10 -14.58
O MSE A 4 0.52 20.76 -14.32
CB MSE A 4 -2.18 18.25 -13.82
CG MSE A 4 -1.31 17.00 -14.08
SE MSE A 4 -1.92 15.80 -15.57
CE MSE A 4 -3.69 15.19 -14.89
N TYR A 5 -0.86 19.83 -15.83
CA TYR A 5 -0.55 20.67 -16.98
C TYR A 5 -1.79 21.44 -17.31
N SER A 6 -2.68 21.58 -16.33
CA SER A 6 -4.06 21.94 -16.64
C SER A 6 -4.16 23.44 -16.84
N MSE A 7 -3.16 24.18 -16.34
CA MSE A 7 -3.07 25.61 -16.58
C MSE A 7 -2.77 25.77 -18.07
O MSE A 7 -3.48 26.49 -18.79
CB MSE A 7 -1.97 26.23 -15.71
CG MSE A 7 -2.09 27.72 -15.51
SE MSE A 7 -3.85 28.08 -14.87
CE MSE A 7 -4.63 29.00 -16.41
N LEU A 8 -1.76 25.02 -18.54
CA LEU A 8 -1.43 24.95 -19.95
C LEU A 8 -2.64 24.67 -20.78
N LYS A 9 -3.46 23.71 -20.36
CA LYS A 9 -4.60 23.27 -21.17
C LYS A 9 -5.63 24.36 -21.30
N ARG A 10 -5.85 25.13 -20.25
CA ARG A 10 -6.83 26.22 -20.26
C ARG A 10 -6.41 27.42 -21.11
N VAL A 11 -5.14 27.55 -21.36
CA VAL A 11 -4.57 28.67 -22.04
C VAL A 11 -4.28 28.44 -23.54
N ILE A 12 -4.23 27.20 -24.00
CA ILE A 12 -4.17 26.89 -25.45
C ILE A 12 -5.53 27.07 -26.14
N THR A 13 -5.62 28.00 -27.07
CA THR A 13 -6.89 28.39 -27.73
C THR A 13 -7.15 27.61 -29.00
N GLU A 14 -6.10 26.99 -29.55
CA GLU A 14 -6.20 26.09 -30.73
C GLU A 14 -6.55 24.65 -30.34
N LYS A 15 -7.74 24.21 -30.72
CA LYS A 15 -8.30 22.92 -30.23
C LYS A 15 -7.56 21.70 -30.79
N ASP A 16 -7.23 21.75 -32.07
CA ASP A 16 -6.52 20.65 -32.70
C ASP A 16 -5.16 20.46 -31.99
N LEU A 17 -4.50 21.59 -31.72
CA LEU A 17 -3.21 21.60 -31.04
C LEU A 17 -3.32 21.13 -29.60
N LEU A 18 -4.40 21.54 -28.92
CA LEU A 18 -4.66 21.06 -27.55
C LEU A 18 -4.86 19.58 -27.61
N ARG A 19 -5.70 19.16 -28.54
CA ARG A 19 -5.95 17.76 -28.72
C ARG A 19 -4.65 17.00 -28.87
N GLN A 20 -3.75 17.51 -29.70
CA GLN A 20 -2.49 16.85 -29.94
C GLN A 20 -1.55 16.93 -28.78
N ILE A 21 -1.59 18.03 -28.04
CA ILE A 21 -0.90 18.11 -26.77
C ILE A 21 -1.44 17.04 -25.82
N ARG A 22 -2.75 16.89 -25.73
CA ARG A 22 -3.29 15.84 -24.87
C ARG A 22 -2.85 14.45 -25.33
N LEU A 23 -2.74 14.26 -26.65
CA LEU A 23 -2.23 12.99 -27.19
C LEU A 23 -0.78 12.75 -26.74
N LEU A 24 0.02 13.79 -26.76
CA LEU A 24 1.45 13.68 -26.55
C LEU A 24 1.78 13.29 -25.12
N GLU A 25 1.27 14.07 -24.18
CA GLU A 25 1.30 13.71 -22.77
C GLU A 25 0.83 12.27 -22.55
N GLN A 26 -0.27 11.88 -23.20
CA GLN A 26 -0.72 10.51 -23.08
C GLN A 26 0.39 9.50 -23.28
N LEU A 27 1.24 9.71 -24.28
CA LEU A 27 2.25 8.74 -24.70
C LEU A 27 3.64 8.98 -24.07
N LEU A 28 3.73 9.90 -23.14
CA LEU A 28 4.92 10.09 -22.33
C LEU A 28 4.58 9.56 -20.94
N ASN A 29 3.51 10.11 -20.36
CA ASN A 29 2.88 9.65 -19.11
C ASN A 29 2.79 8.11 -19.01
N VAL A 30 2.16 7.45 -19.99
CA VAL A 30 1.90 6.01 -19.93
C VAL A 30 2.83 5.19 -20.85
N PRO A 31 4.06 4.85 -20.39
CA PRO A 31 4.95 4.02 -21.23
C PRO A 31 4.54 2.52 -21.27
N GLN A 32 3.25 2.29 -21.48
CA GLN A 32 2.74 1.00 -21.91
C GLN A 32 2.53 1.16 -23.42
N LEU A 33 1.87 0.19 -24.01
CA LEU A 33 1.24 0.43 -25.29
C LEU A 33 -0.12 1.01 -24.89
N THR A 34 -0.56 2.02 -25.62
CA THR A 34 -1.92 2.56 -25.50
C THR A 34 -2.67 2.05 -26.73
N ALA A 35 -3.95 1.75 -26.60
CA ALA A 35 -4.74 1.30 -27.74
C ALA A 35 -5.11 2.51 -28.58
N LYS A 36 -5.18 2.35 -29.88
CA LYS A 36 -5.98 3.26 -30.71
C LYS A 36 -7.26 3.68 -29.95
N ARG A 37 -7.86 2.69 -29.29
CA ARG A 37 -9.05 2.85 -28.42
C ARG A 37 -8.92 3.93 -27.36
N LEU A 38 -7.70 4.17 -26.86
CA LEU A 38 -7.34 5.35 -26.04
C LEU A 38 -8.24 6.55 -26.23
N ALA A 39 -8.61 6.82 -27.50
CA ALA A 39 -9.52 7.92 -27.90
C ALA A 39 -10.60 8.27 -26.87
N ALA A 40 -11.00 7.30 -26.05
CA ALA A 40 -11.84 7.54 -24.88
C ALA A 40 -11.19 8.50 -23.88
N GLN A 41 -9.91 8.23 -23.55
CA GLN A 41 -9.11 9.05 -22.61
C GLN A 41 -8.93 10.50 -23.11
N ILE A 42 -8.76 10.67 -24.44
CA ILE A 42 -8.62 12.00 -25.05
C ILE A 42 -9.98 12.56 -25.40
N GLN A 43 -11.00 11.70 -25.42
CA GLN A 43 -12.37 12.07 -25.73
C GLN A 43 -12.54 12.55 -27.17
N THR A 44 -12.24 11.68 -28.12
CA THR A 44 -12.43 11.99 -29.53
C THR A 44 -12.44 10.70 -30.35
N THR A 45 -12.61 10.82 -31.66
CA THR A 45 -12.66 9.65 -32.55
C THR A 45 -11.24 9.08 -32.80
N GLU A 46 -11.20 7.77 -33.05
CA GLU A 46 -9.95 7.10 -33.41
C GLU A 46 -9.42 7.69 -34.72
N ARG A 47 -10.35 8.04 -35.58
CA ARG A 47 -9.99 8.70 -36.83
C ARG A 47 -9.00 9.85 -36.52
N THR A 48 -9.41 10.74 -35.61
CA THR A 48 -8.66 11.94 -35.37
C THR A 48 -7.35 11.63 -34.67
N VAL A 49 -7.36 10.59 -33.81
CA VAL A 49 -6.14 10.10 -33.17
C VAL A 49 -5.11 9.70 -34.23
N PHE A 50 -5.57 8.95 -35.22
CA PHE A 50 -4.69 8.56 -36.33
C PHE A 50 -4.18 9.73 -37.16
N SER A 51 -5.04 10.70 -37.45
CA SER A 51 -4.58 11.93 -38.10
C SER A 51 -3.60 12.75 -37.22
N ASP A 52 -3.83 12.76 -35.92
CA ASP A 52 -2.96 13.48 -35.02
C ASP A 52 -1.57 12.85 -34.93
N LEU A 53 -1.56 11.53 -34.88
CA LEU A 53 -0.32 10.79 -34.79
C LEU A 53 0.52 11.10 -36.04
N GLN A 54 -0.12 11.07 -37.20
CA GLN A 54 0.67 11.24 -38.41
C GLN A 54 1.18 12.66 -38.40
N TYR A 55 0.31 13.59 -38.01
CA TYR A 55 0.75 14.95 -37.82
C TYR A 55 1.99 15.01 -36.95
N ILE A 56 1.93 14.39 -35.79
CA ILE A 56 3.08 14.44 -34.88
C ILE A 56 4.34 13.83 -35.57
N ARG A 57 4.15 12.67 -36.20
CA ARG A 57 5.24 11.92 -36.81
C ARG A 57 6.04 12.79 -37.79
N SER A 58 5.31 13.56 -38.60
CA SER A 58 5.90 14.37 -39.66
C SER A 58 6.88 15.43 -39.15
N GLN A 59 6.94 15.66 -37.85
CA GLN A 59 7.85 16.69 -37.30
C GLN A 59 8.65 16.36 -36.06
N LEU A 60 8.74 15.09 -35.70
CA LEU A 60 9.56 14.67 -34.54
C LEU A 60 11.02 14.81 -34.88
N PRO A 61 11.84 15.25 -33.91
CA PRO A 61 13.27 15.21 -34.18
C PRO A 61 13.74 13.76 -34.38
N ALA A 62 14.90 13.61 -35.00
CA ALA A 62 15.35 12.31 -35.51
C ALA A 62 15.32 11.22 -34.47
N ASP A 63 15.70 11.56 -33.25
CA ASP A 63 15.86 10.56 -32.19
C ASP A 63 14.55 10.17 -31.53
N TRP A 64 13.45 10.77 -31.93
CA TRP A 64 12.15 10.33 -31.45
C TRP A 64 11.54 9.53 -32.56
N SER A 65 10.64 8.63 -32.17
CA SER A 65 9.76 7.95 -33.13
C SER A 65 8.45 7.55 -32.45
N ILE A 66 7.40 7.41 -33.26
CA ILE A 66 6.17 6.75 -32.84
C ILE A 66 5.98 5.46 -33.64
N GLU A 67 5.89 4.34 -32.93
CA GLU A 67 5.72 3.02 -33.56
C GLU A 67 4.27 2.52 -33.42
N THR A 68 3.66 2.16 -34.56
CA THR A 68 2.23 1.85 -34.63
C THR A 68 1.91 0.49 -35.25
N ASP A 69 1.17 -0.36 -34.52
CA ASP A 69 0.80 -1.67 -35.03
C ASP A 69 -0.42 -2.28 -34.32
N SER A 70 -0.63 -3.59 -34.54
CA SER A 70 -1.59 -4.41 -33.81
C SER A 70 -1.41 -4.29 -32.28
N SER A 71 -0.20 -4.53 -31.79
CA SER A 71 0.10 -4.34 -30.36
C SER A 71 -0.18 -2.91 -29.86
N GLY A 72 -0.35 -1.96 -30.78
CA GLY A 72 -0.83 -0.60 -30.48
C GLY A 72 0.14 0.53 -30.81
N ILE A 73 0.03 1.62 -30.04
CA ILE A 73 0.78 2.87 -30.27
C ILE A 73 1.81 3.08 -29.17
N ARG A 74 2.98 3.60 -29.53
CA ARG A 74 3.97 3.94 -28.51
C ARG A 74 5.03 4.94 -28.98
N LEU A 75 5.29 5.91 -28.11
CA LEU A 75 6.35 6.87 -28.29
C LEU A 75 7.66 6.29 -27.75
N ARG A 76 8.71 6.32 -28.57
CA ARG A 76 10.04 5.89 -28.14
C ARG A 76 11.12 6.87 -28.57
N ASN A 77 12.19 6.93 -27.80
CA ASN A 77 13.35 7.75 -28.19
C ASN A 77 14.65 6.95 -28.07
N GLN A 78 15.63 7.28 -28.91
CA GLN A 78 16.90 6.56 -28.95
C GLN A 78 17.80 6.95 -27.79
N GLN A 82 15.33 13.41 -24.43
CA GLN A 82 14.74 14.17 -23.33
C GLN A 82 13.43 14.94 -23.65
N THR A 83 12.55 14.90 -22.66
CA THR A 83 11.14 15.00 -22.87
C THR A 83 10.68 16.41 -23.28
N ASN A 84 11.29 17.40 -22.63
CA ASN A 84 10.99 18.78 -22.86
C ASN A 84 11.35 19.24 -24.27
N GLU A 85 12.28 18.56 -24.94
CA GLU A 85 12.51 18.86 -26.35
C GLU A 85 11.24 18.64 -27.23
N LEU A 86 10.36 17.72 -26.85
CA LEU A 86 9.06 17.59 -27.52
C LEU A 86 8.13 18.79 -27.21
N TRP A 87 8.07 19.20 -25.94
CA TRP A 87 7.22 20.32 -25.58
C TRP A 87 7.74 21.62 -26.24
N SER A 88 9.06 21.77 -26.29
CA SER A 88 9.70 22.90 -26.95
C SER A 88 9.43 22.93 -28.46
N LEU A 89 9.02 21.81 -29.02
CA LEU A 89 8.69 21.77 -30.42
C LEU A 89 7.21 22.16 -30.62
N PHE A 90 6.31 21.60 -29.85
CA PHE A 90 4.88 21.76 -30.06
C PHE A 90 4.20 22.98 -29.40
N LEU A 91 4.64 23.38 -28.22
CA LEU A 91 3.93 24.47 -27.52
C LEU A 91 3.97 25.76 -28.29
N PRO A 92 5.14 26.11 -28.83
CA PRO A 92 5.26 27.36 -29.59
C PRO A 92 4.50 27.35 -30.88
N GLN A 93 3.90 26.22 -31.24
CA GLN A 93 2.99 26.24 -32.36
C GLN A 93 1.67 26.96 -32.06
N SER A 94 1.38 27.19 -30.78
CA SER A 94 0.11 27.81 -30.38
C SER A 94 0.30 29.32 -30.25
N ILE A 95 -0.61 30.08 -30.83
CA ILE A 95 -0.55 31.55 -30.74
C ILE A 95 -0.64 32.02 -29.29
N SER A 96 -1.41 31.33 -28.46
CA SER A 96 -1.66 31.89 -27.15
C SER A 96 -0.39 31.73 -26.31
N ILE A 97 0.26 30.56 -26.44
CA ILE A 97 1.55 30.35 -25.80
C ILE A 97 2.65 31.30 -26.36
N GLN A 98 2.73 31.43 -27.68
CA GLN A 98 3.67 32.41 -28.22
C GLN A 98 3.38 33.75 -27.53
N LEU A 99 2.10 34.13 -27.43
CA LEU A 99 1.76 35.47 -26.87
C LEU A 99 2.15 35.55 -25.39
N LEU A 100 1.89 34.48 -24.63
CA LEU A 100 2.26 34.49 -23.23
C LEU A 100 3.81 34.47 -23.02
N LYS A 101 4.52 33.84 -23.95
CA LYS A 101 5.98 33.81 -23.83
C LYS A 101 6.46 35.26 -23.99
N GLU A 102 5.95 35.96 -24.95
CA GLU A 102 6.46 37.34 -25.19
C GLU A 102 6.04 38.29 -24.11
N LEU A 103 4.80 38.13 -23.60
CA LEU A 103 4.32 38.99 -22.50
C LEU A 103 5.01 38.67 -21.18
N LEU A 104 5.63 37.51 -21.04
CA LEU A 104 6.44 37.25 -19.84
C LEU A 104 7.70 38.08 -19.83
N PHE A 105 8.35 38.22 -20.98
CA PHE A 105 9.63 38.96 -21.10
C PHE A 105 9.59 40.47 -21.41
N THR A 106 8.46 41.03 -21.89
CA THR A 106 8.27 42.52 -21.99
C THR A 106 6.90 42.98 -21.51
N LYS A 107 6.76 44.21 -21.04
CA LYS A 107 5.47 44.67 -20.53
C LYS A 107 4.49 44.87 -21.68
N GLU A 108 5.01 45.29 -22.84
CA GLU A 108 4.17 45.60 -24.00
C GLU A 108 4.82 45.17 -25.32
N LEU A 109 3.98 44.69 -26.22
CA LEU A 109 4.37 44.21 -27.54
C LEU A 109 3.81 45.14 -28.57
N VAL A 110 4.51 45.25 -29.71
CA VAL A 110 3.98 45.96 -30.86
C VAL A 110 3.02 45.01 -31.53
N THR A 111 1.77 45.40 -31.60
CA THR A 111 0.79 44.50 -32.19
C THR A 111 1.19 44.01 -33.60
N THR A 112 1.52 44.96 -34.50
CA THR A 112 1.90 44.62 -35.92
C THR A 112 3.06 43.62 -35.95
N SER A 113 3.97 43.73 -35.01
CA SER A 113 5.13 42.86 -35.01
C SER A 113 4.80 41.47 -34.50
N PHE A 114 3.91 41.37 -33.50
CA PHE A 114 3.41 40.03 -33.08
C PHE A 114 2.48 39.40 -34.17
N LEU A 115 1.64 40.20 -34.84
CA LEU A 115 0.82 39.65 -36.00
C LEU A 115 1.73 39.05 -37.05
N SER A 116 2.79 39.76 -37.36
CA SER A 116 3.89 39.27 -38.23
C SER A 116 4.58 37.91 -37.84
N THR A 117 5.02 37.74 -36.61
CA THR A 117 5.70 36.49 -36.25
C THR A 117 4.73 35.34 -35.98
N SER A 118 3.48 35.64 -35.65
CA SER A 118 2.52 34.54 -35.32
C SER A 118 1.84 34.06 -36.57
N GLY A 119 1.72 34.95 -37.54
CA GLY A 119 1.14 34.62 -38.84
C GLY A 119 -0.36 34.87 -38.92
N VAL A 120 -0.93 35.66 -38.01
CA VAL A 120 -2.41 35.76 -37.98
C VAL A 120 -2.85 37.17 -38.17
N SER A 121 -4.15 37.31 -38.43
CA SER A 121 -4.78 38.57 -38.69
C SER A 121 -5.17 39.13 -37.36
N TYR A 122 -5.33 40.44 -37.31
CA TYR A 122 -5.74 41.11 -36.08
C TYR A 122 -7.05 40.56 -35.52
N GLU A 123 -8.01 40.33 -36.38
CA GLU A 123 -9.31 39.84 -35.93
C GLU A 123 -9.19 38.43 -35.39
N THR A 124 -8.41 37.59 -36.05
CA THR A 124 -8.13 36.29 -35.48
C THR A 124 -7.44 36.43 -34.11
N LEU A 125 -6.52 37.37 -33.94
CA LEU A 125 -5.82 37.42 -32.66
C LEU A 125 -6.79 37.87 -31.59
N LYS A 126 -7.70 38.73 -31.99
CA LYS A 126 -8.74 39.26 -31.13
C LYS A 126 -9.56 38.12 -30.62
N ARG A 127 -9.95 37.27 -31.54
CA ARG A 127 -10.74 36.10 -31.23
C ARG A 127 -10.00 35.13 -30.28
N HIS A 128 -8.69 34.95 -30.43
CA HIS A 128 -7.90 34.10 -29.49
C HIS A 128 -7.79 34.74 -28.09
N ILE A 129 -7.51 36.03 -28.08
CA ILE A 129 -7.33 36.79 -26.85
C ILE A 129 -8.62 36.84 -26.02
N LYS A 130 -9.79 36.94 -26.66
CA LYS A 130 -11.07 36.76 -25.95
C LYS A 130 -11.07 35.43 -25.20
N LYS A 131 -10.77 34.34 -25.91
CA LYS A 131 -10.65 33.02 -25.27
C LYS A 131 -9.62 32.98 -24.15
N MSE A 132 -8.43 33.51 -24.37
CA MSE A 132 -7.44 33.48 -23.30
C MSE A 132 -7.92 34.28 -22.04
O MSE A 132 -7.72 33.89 -20.90
CB MSE A 132 -6.08 34.07 -23.77
CG MSE A 132 -5.44 33.35 -24.94
SE MSE A 132 -4.07 34.44 -25.71
CE MSE A 132 -2.85 34.36 -24.18
N ASN A 133 -8.51 35.44 -22.29
CA ASN A 133 -9.04 36.26 -21.21
C ASN A 133 -10.08 35.54 -20.32
N GLN A 134 -10.75 34.52 -20.84
CA GLN A 134 -11.63 33.75 -19.98
C GLN A 134 -10.91 32.94 -18.93
N ALA A 135 -9.66 32.57 -19.16
CA ALA A 135 -8.98 31.75 -18.18
C ALA A 135 -8.09 32.58 -17.32
N LEU A 136 -7.68 33.74 -17.82
CA LEU A 136 -6.96 34.60 -16.99
C LEU A 136 -7.87 35.25 -15.96
N ARG A 137 -9.18 35.21 -16.16
CA ARG A 137 -10.10 35.98 -15.33
C ARG A 137 -9.88 35.69 -13.86
N ASP A 138 -9.72 34.43 -13.52
CA ASP A 138 -9.56 34.09 -12.14
C ASP A 138 -8.36 34.69 -11.48
N PHE A 139 -7.30 34.92 -12.24
CA PHE A 139 -6.07 35.44 -11.66
C PHE A 139 -6.09 36.96 -11.58
N HIS A 140 -7.21 37.57 -11.98
CA HIS A 140 -7.35 38.99 -11.94
C HIS A 140 -6.49 39.64 -13.03
N LEU A 141 -6.36 38.99 -14.19
CA LEU A 141 -5.58 39.57 -15.26
C LEU A 141 -6.35 39.64 -16.52
N THR A 142 -5.92 40.49 -17.46
CA THR A 142 -6.45 40.43 -18.79
C THR A 142 -5.47 40.97 -19.77
N ILE A 143 -5.52 40.48 -21.00
CA ILE A 143 -4.69 40.93 -22.07
C ILE A 143 -5.49 41.97 -22.82
N GLN A 144 -4.99 43.20 -22.90
CA GLN A 144 -5.60 44.22 -23.76
C GLN A 144 -4.92 44.32 -25.11
N LEU A 145 -5.74 44.34 -26.15
CA LEU A 145 -5.31 44.38 -27.52
C LEU A 145 -5.82 45.67 -28.13
N THR A 146 -4.88 46.48 -28.59
CA THR A 146 -5.19 47.58 -29.49
C THR A 146 -4.42 47.31 -30.79
N THR A 147 -4.67 48.14 -31.80
CA THR A 147 -3.98 48.09 -33.08
C THR A 147 -2.51 48.51 -32.94
N MSE A 148 -2.19 49.20 -31.83
CA MSE A 148 -0.82 49.64 -31.51
C MSE A 148 -0.09 48.65 -30.60
O MSE A 148 1.04 48.26 -30.86
CB MSE A 148 -0.88 51.00 -30.79
CG MSE A 148 -1.42 52.09 -31.65
SE MSE A 148 -0.05 52.52 -32.98
CE MSE A 148 0.04 51.02 -34.23
N THR A 149 -0.79 48.24 -29.56
CA THR A 149 -0.16 47.63 -28.39
C THR A 149 -0.85 46.35 -27.94
N ILE A 150 -0.06 45.41 -27.44
CA ILE A 150 -0.60 44.24 -26.71
C ILE A 150 0.01 44.21 -25.32
N GLN A 151 -0.83 44.15 -24.30
CA GLN A 151 -0.36 44.24 -22.92
C GLN A 151 -1.05 43.32 -21.91
N LEU A 152 -0.31 42.94 -20.87
CA LEU A 152 -0.87 42.13 -19.81
C LEU A 152 -1.21 43.00 -18.64
N ILE A 153 -2.51 43.29 -18.43
CA ILE A 153 -2.98 44.20 -17.38
C ILE A 153 -3.34 43.45 -16.08
N GLY A 154 -2.91 44.00 -14.96
CA GLY A 154 -3.23 43.43 -13.65
C GLY A 154 -2.07 43.70 -12.72
N ALA A 155 -2.21 43.37 -11.45
CA ALA A 155 -1.19 43.65 -10.45
C ALA A 155 -0.03 42.73 -10.75
N GLU A 156 1.17 43.27 -10.66
CA GLU A 156 2.37 42.52 -11.03
C GLU A 156 2.49 41.23 -10.21
N SER A 157 2.10 41.28 -8.94
CA SER A 157 2.12 40.09 -8.08
C SER A 157 1.26 38.99 -8.67
N ASN A 158 0.10 39.33 -9.17
CA ASN A 158 -0.80 38.33 -9.76
C ASN A 158 -0.33 37.89 -11.12
N ILE A 159 0.37 38.74 -11.85
CA ILE A 159 0.94 38.35 -13.13
C ILE A 159 1.96 37.23 -12.84
N ARG A 160 2.81 37.44 -11.85
CA ARG A 160 3.87 36.44 -11.52
C ARG A 160 3.36 35.08 -10.97
N ILE A 161 2.35 35.13 -10.14
CA ILE A 161 1.73 33.97 -9.65
C ILE A 161 1.10 33.17 -10.80
N PHE A 162 0.44 33.81 -11.75
CA PHE A 162 -0.08 33.11 -12.93
C PHE A 162 1.03 32.42 -13.72
N TYR A 163 2.08 33.16 -14.02
CA TYR A 163 3.21 32.52 -14.77
C TYR A 163 3.83 31.36 -14.00
N HIS A 164 3.91 31.49 -12.70
CA HIS A 164 4.49 30.46 -11.88
C HIS A 164 3.64 29.17 -11.94
N ARG A 165 2.35 29.30 -11.74
CA ARG A 165 1.43 28.21 -11.92
C ARG A 165 1.60 27.59 -13.32
N LEU A 166 1.68 28.42 -14.34
CA LEU A 166 1.70 27.96 -15.71
C LEU A 166 3.01 27.25 -16.03
N LEU A 167 4.13 27.79 -15.53
CA LEU A 167 5.45 27.38 -15.97
C LEU A 167 6.28 26.51 -15.02
N VAL A 168 5.83 26.34 -13.78
CA VAL A 168 6.54 25.46 -12.85
C VAL A 168 6.87 24.08 -13.45
N PRO A 169 5.94 23.45 -14.19
CA PRO A 169 6.28 22.20 -14.84
C PRO A 169 7.27 22.31 -15.97
N PHE A 170 7.57 23.53 -16.44
CA PHE A 170 8.46 23.73 -17.53
C PHE A 170 9.75 24.35 -17.01
N THR A 171 10.03 24.17 -15.74
CA THR A 171 11.21 24.76 -15.21
C THR A 171 12.45 24.21 -15.92
N HIS A 172 12.35 23.07 -16.59
CA HIS A 172 13.53 22.50 -17.26
C HIS A 172 13.28 22.50 -18.76
N ASN A 173 12.59 23.52 -19.25
CA ASN A 173 12.29 23.62 -20.66
C ASN A 173 13.04 24.83 -21.23
N ASN A 174 13.77 24.63 -22.35
CA ASN A 174 14.57 25.72 -22.96
C ASN A 174 13.77 26.69 -23.78
N TYR A 175 12.60 26.32 -24.26
CA TYR A 175 11.76 27.27 -24.94
C TYR A 175 11.33 28.39 -23.97
N PHE A 176 10.93 28.05 -22.76
CA PHE A 176 10.50 29.09 -21.80
C PHE A 176 11.64 29.74 -21.06
N PHE A 177 12.63 28.95 -20.68
CA PHE A 177 13.70 29.45 -19.90
C PHE A 177 14.97 29.12 -20.64
N ASP A 178 15.42 30.07 -21.45
CA ASP A 178 16.56 29.83 -22.28
C ASP A 178 17.71 29.52 -21.36
N ASP A 179 18.47 28.51 -21.71
CA ASP A 179 19.56 28.06 -20.87
C ASP A 179 19.23 27.98 -19.37
N TYR A 180 18.18 27.26 -19.02
CA TYR A 180 17.74 27.19 -17.65
C TYR A 180 18.77 26.66 -16.72
N SER A 181 19.53 25.69 -17.20
CA SER A 181 20.42 24.96 -16.28
C SER A 181 21.46 25.90 -15.63
N ILE A 182 22.03 26.80 -16.45
CA ILE A 182 22.90 27.84 -15.94
C ILE A 182 22.21 28.68 -14.89
N HIS A 183 20.93 29.02 -15.05
CA HIS A 183 20.23 29.83 -13.99
C HIS A 183 19.89 29.02 -12.74
N GLU A 184 19.60 27.75 -12.95
CA GLU A 184 19.25 26.85 -11.87
C GLU A 184 20.45 26.57 -11.03
N GLU A 185 21.62 26.58 -11.67
CA GLU A 185 22.87 26.40 -10.94
C GLU A 185 22.99 27.53 -9.91
N HIS A 186 22.53 28.72 -10.27
CA HIS A 186 22.54 29.78 -9.28
C HIS A 186 21.59 29.46 -8.10
N TYR A 187 20.47 28.83 -8.39
CA TYR A 187 19.56 28.57 -7.28
C TYR A 187 20.14 27.46 -6.41
N PHE A 188 20.75 26.49 -7.05
CA PHE A 188 21.44 25.43 -6.31
C PHE A 188 22.49 26.01 -5.42
N GLN A 189 23.26 26.97 -5.90
CA GLN A 189 24.31 27.54 -5.08
C GLN A 189 23.72 28.22 -3.87
N PHE A 190 22.61 28.98 -4.04
CA PHE A 190 21.92 29.61 -2.91
C PHE A 190 21.40 28.57 -1.87
N LEU A 191 20.80 27.47 -2.36
CA LEU A 191 20.40 26.39 -1.46
C LEU A 191 21.56 25.76 -0.68
N LYS A 192 22.69 25.51 -1.35
CA LYS A 192 23.87 24.96 -0.67
C LYS A 192 24.25 25.86 0.48
N GLN A 193 24.39 27.15 0.22
CA GLN A 193 24.73 28.07 1.28
C GLN A 193 23.66 27.97 2.36
N VAL A 194 22.38 27.98 2.01
CA VAL A 194 21.36 27.89 3.05
C VAL A 194 21.54 26.55 3.85
N TYR A 195 21.63 25.41 3.15
CA TYR A 195 21.69 24.05 3.77
C TYR A 195 22.95 23.82 4.59
N SER A 196 23.98 24.60 4.35
CA SER A 196 25.26 24.40 5.00
C SER A 196 25.44 25.39 6.13
N SER A 197 24.44 26.24 6.37
CA SER A 197 24.47 27.22 7.44
C SER A 197 23.50 26.80 8.53
N GLU A 198 23.30 27.64 9.53
CA GLU A 198 22.33 27.38 10.56
C GLU A 198 20.99 28.08 10.30
N LEU A 199 20.75 28.46 9.05
CA LEU A 199 19.44 28.91 8.62
C LEU A 199 18.87 27.83 7.70
N THR A 200 19.55 26.70 7.60
CA THR A 200 19.03 25.58 6.80
C THR A 200 17.54 25.36 7.10
N VAL A 201 16.78 24.99 6.07
CA VAL A 201 15.35 24.81 6.13
C VAL A 201 15.05 24.01 4.90
N GLU A 202 14.14 23.05 5.00
CA GLU A 202 13.79 22.29 3.84
C GLU A 202 12.77 23.02 3.00
N THR A 203 12.90 22.90 1.67
CA THR A 203 12.06 23.57 0.76
C THR A 203 11.80 22.81 -0.52
N GLU A 204 10.72 23.17 -1.20
CA GLU A 204 10.44 22.64 -2.53
C GLU A 204 11.24 23.46 -3.56
N GLU A 205 12.28 22.84 -4.06
CA GLU A 205 13.33 23.51 -4.81
C GLU A 205 12.91 23.84 -6.21
N ILE A 206 12.11 23.01 -6.85
CA ILE A 206 11.66 23.36 -8.20
C ILE A 206 10.67 24.55 -8.14
N PHE A 207 9.82 24.57 -7.14
CA PHE A 207 8.95 25.68 -6.87
C PHE A 207 9.75 26.99 -6.58
N GLY A 208 10.82 26.87 -5.80
CA GLY A 208 11.73 27.95 -5.47
C GLY A 208 12.44 28.51 -6.71
N ALA A 209 13.03 27.59 -7.46
CA ALA A 209 13.83 27.91 -8.60
C ALA A 209 12.92 28.59 -9.61
N CYS A 210 11.75 28.07 -9.86
CA CYS A 210 10.91 28.73 -10.85
C CYS A 210 10.52 30.17 -10.41
N TRP A 211 10.27 30.37 -9.12
CA TRP A 211 10.10 31.70 -8.61
C TRP A 211 11.30 32.61 -8.88
N PHE A 212 12.50 32.09 -8.64
CA PHE A 212 13.71 32.80 -8.92
C PHE A 212 13.76 33.18 -10.40
N PHE A 213 13.47 32.25 -11.27
CA PHE A 213 13.41 32.59 -12.68
C PHE A 213 12.37 33.68 -12.97
N ILE A 214 11.13 33.50 -12.51
CA ILE A 214 10.10 34.50 -12.85
C ILE A 214 10.49 35.88 -12.30
N ASN A 215 10.97 35.93 -11.08
CA ASN A 215 11.26 37.22 -10.44
C ASN A 215 12.44 37.93 -11.13
N THR A 216 13.35 37.18 -11.66
CA THR A 216 14.42 37.71 -12.37
C THR A 216 14.00 38.32 -13.72
N ILE A 217 13.24 37.58 -14.47
CA ILE A 217 12.80 38.00 -15.73
C ILE A 217 11.90 39.27 -15.61
N ARG A 218 11.00 39.35 -14.64
CA ARG A 218 10.11 40.51 -14.57
C ARG A 218 10.91 41.75 -14.13
N ASN A 219 11.94 41.50 -13.31
CA ASN A 219 12.80 42.56 -12.86
C ASN A 219 13.61 43.17 -14.03
N LYS A 220 14.12 42.31 -14.92
CA LYS A 220 14.85 42.74 -16.10
C LYS A 220 13.96 43.42 -17.15
N ALA A 221 12.65 43.14 -17.15
CA ALA A 221 11.69 43.78 -18.06
C ALA A 221 11.07 45.02 -17.43
N ASN A 222 11.59 45.44 -16.28
CA ASN A 222 11.07 46.57 -15.55
C ASN A 222 9.61 46.54 -15.15
N CYS A 223 9.09 45.38 -14.77
CA CYS A 223 7.73 45.26 -14.24
C CYS A 223 7.86 44.96 -12.78
N ARG A 224 7.67 45.96 -11.93
CA ARG A 224 7.98 45.81 -10.52
CA ARG A 224 7.97 45.81 -10.51
C ARG A 224 6.73 45.53 -9.71
N VAL A 225 6.89 44.84 -8.58
CA VAL A 225 5.75 44.51 -7.69
C VAL A 225 5.48 45.62 -6.69
N SER A 226 4.25 45.73 -6.18
CA SER A 226 3.95 46.67 -5.07
C SER A 226 2.54 46.44 -4.56
N GLN A 227 1.98 47.36 -3.80
CA GLN A 227 0.61 47.17 -3.35
C GLN A 227 0.46 45.84 -2.57
N PHE A 228 1.33 45.63 -1.60
CA PHE A 228 1.02 44.63 -0.58
C PHE A 228 1.60 45.08 0.74
N SER A 229 0.96 44.74 1.84
CA SER A 229 1.55 45.04 3.14
C SER A 229 2.57 43.97 3.55
N PHE A 230 3.60 44.43 4.25
CA PHE A 230 4.62 43.62 4.89
C PHE A 230 5.30 44.52 5.91
N ASP A 231 6.23 43.98 6.66
CA ASP A 231 6.88 44.68 7.72
C ASP A 231 8.31 44.58 7.37
N SER A 232 8.83 45.72 6.93
CA SER A 232 10.23 45.96 6.62
C SER A 232 11.18 45.29 7.61
N LYS A 233 10.77 45.28 8.87
CA LYS A 233 11.61 44.84 9.96
C LYS A 233 11.28 43.42 10.41
N ASP A 234 10.45 42.68 9.66
CA ASP A 234 10.17 41.29 10.01
C ASP A 234 11.44 40.52 10.17
N VAL A 235 11.45 39.67 11.18
CA VAL A 235 12.64 38.97 11.59
C VAL A 235 13.12 37.91 10.62
N LEU A 236 12.22 37.16 10.02
CA LEU A 236 12.67 36.09 9.14
C LEU A 236 13.18 36.66 7.84
N PHE A 237 12.51 37.71 7.41
CA PHE A 237 12.86 38.50 6.25
C PHE A 237 14.28 39.02 6.43
N GLN A 238 14.55 39.67 7.55
CA GLN A 238 15.90 40.19 7.74
C GLN A 238 16.91 39.04 7.73
N LEU A 239 16.64 37.93 8.39
CA LEU A 239 17.60 36.81 8.40
C LEU A 239 17.96 36.28 7.05
N TYR A 240 16.98 36.18 6.16
CA TYR A 240 17.20 35.54 4.83
C TYR A 240 17.57 36.53 3.77
N GLN A 241 17.38 37.81 4.05
CA GLN A 241 17.59 38.88 3.04
C GLN A 241 19.00 38.86 2.47
N PRO A 242 20.00 38.62 3.31
CA PRO A 242 21.33 38.56 2.71
C PRO A 242 21.59 37.51 1.69
N SER A 243 21.10 36.30 1.90
CA SER A 243 21.42 35.22 1.00
C SER A 243 20.50 35.27 -0.24
N LEU A 244 19.33 35.88 -0.09
CA LEU A 244 18.49 36.18 -1.24
C LEU A 244 19.11 37.32 -2.09
N ALA A 245 19.68 38.35 -1.42
CA ALA A 245 20.39 39.38 -2.21
C ALA A 245 21.52 38.77 -3.06
N LYS A 246 22.26 37.81 -2.53
CA LYS A 246 23.35 37.18 -3.29
C LYS A 246 22.86 36.32 -4.47
N LEU A 247 21.72 35.62 -4.30
CA LEU A 247 21.15 34.82 -5.37
C LEU A 247 20.80 35.74 -6.48
N TYR A 248 20.09 36.83 -6.17
CA TYR A 248 19.60 37.69 -7.28
C TYR A 248 20.77 38.53 -7.83
N ALA A 249 21.73 38.84 -6.99
CA ALA A 249 22.97 39.48 -7.44
C ALA A 249 23.61 38.69 -8.57
N SER A 250 23.49 37.38 -8.54
CA SER A 250 24.11 36.54 -9.56
C SER A 250 23.44 36.66 -10.96
N GLU A 251 22.37 37.43 -11.06
CA GLU A 251 21.77 37.75 -12.33
C GLU A 251 21.86 39.25 -12.57
N GLY A 252 22.66 39.93 -11.75
CA GLY A 252 22.72 41.37 -11.82
C GLY A 252 21.46 42.08 -11.39
N ILE A 253 20.71 41.44 -10.50
CA ILE A 253 19.58 42.13 -9.94
C ILE A 253 19.91 42.68 -8.54
N TYR A 254 19.61 43.96 -8.31
CA TYR A 254 19.46 44.53 -6.96
C TYR A 254 17.97 44.60 -6.63
N LEU A 255 17.57 44.14 -5.43
CA LEU A 255 16.14 44.13 -5.11
C LEU A 255 15.81 45.30 -4.21
N GLN A 256 14.93 46.14 -4.73
CA GLN A 256 14.44 47.27 -3.94
C GLN A 256 13.55 46.68 -2.86
N GLY A 257 13.12 47.53 -1.92
CA GLY A 257 12.35 47.13 -0.76
C GLY A 257 11.20 46.19 -1.06
N GLU A 258 10.34 46.55 -2.01
CA GLU A 258 9.22 45.65 -2.32
C GLU A 258 9.58 44.35 -3.00
N GLU A 259 10.36 44.42 -4.06
CA GLU A 259 10.91 43.24 -4.69
C GLU A 259 11.63 42.32 -3.71
N SER A 260 12.26 42.91 -2.69
CA SER A 260 13.10 42.11 -1.83
C SER A 260 12.19 41.28 -0.91
N PHE A 261 11.10 41.85 -0.43
CA PHE A 261 10.18 41.13 0.40
C PHE A 261 9.46 40.07 -0.45
N PHE A 262 9.08 40.43 -1.65
CA PHE A 262 8.38 39.49 -2.56
C PHE A 262 9.25 38.28 -2.77
N ALA A 263 10.49 38.49 -3.21
CA ALA A 263 11.44 37.40 -3.39
C ALA A 263 11.52 36.50 -2.10
N PHE A 264 11.58 37.12 -0.92
CA PHE A 264 11.59 36.37 0.35
C PHE A 264 10.27 35.61 0.61
N PHE A 265 9.15 36.21 0.26
CA PHE A 265 7.87 35.61 0.46
C PHE A 265 7.74 34.36 -0.38
N CYS A 266 8.18 34.46 -1.62
CA CYS A 266 8.22 33.37 -2.55
C CYS A 266 9.06 32.25 -1.99
N PHE A 267 10.13 32.58 -1.35
CA PHE A 267 10.97 31.54 -0.82
C PHE A 267 10.26 30.89 0.36
N LEU A 268 9.69 31.72 1.24
CA LEU A 268 8.99 31.23 2.41
C LEU A 268 7.88 30.30 2.03
N GLU A 269 7.17 30.60 0.96
CA GLU A 269 6.06 29.75 0.52
C GLU A 269 6.58 28.41 0.12
N SER A 270 7.84 28.36 -0.32
CA SER A 270 8.37 27.09 -0.66
C SER A 270 8.76 26.19 0.57
N TRP A 271 8.67 26.71 1.78
CA TRP A 271 9.11 25.93 2.95
C TRP A 271 8.13 24.80 3.27
N ASN A 272 8.68 23.63 3.56
CA ASN A 272 7.89 22.46 3.93
C ASN A 272 7.47 22.49 5.37
N TYR A 273 6.41 21.71 5.66
CA TYR A 273 6.04 21.38 6.99
C TYR A 273 6.86 20.20 7.46
N ASP A 274 6.72 19.89 8.75
CA ASP A 274 7.54 18.90 9.40
C ASP A 274 8.98 19.17 9.08
N ASN A 275 9.42 20.40 9.25
CA ASN A 275 10.71 20.79 8.75
C ASN A 275 11.84 20.49 9.75
N VAL A 276 13.10 20.64 9.30
CA VAL A 276 14.29 20.53 10.15
C VAL A 276 14.92 21.88 10.03
N TYR A 277 14.83 22.70 11.08
CA TYR A 277 15.35 24.06 11.08
C TYR A 277 16.74 24.13 11.70
N GLY A 278 17.62 24.93 11.08
CA GLY A 278 18.93 25.22 11.64
C GLY A 278 18.76 26.00 12.92
N GLU A 279 19.83 26.15 13.70
CA GLU A 279 19.75 26.71 15.03
C GLU A 279 19.38 28.17 15.08
N THR A 280 19.81 28.94 14.09
CA THR A 280 19.49 30.38 14.11
C THR A 280 18.01 30.57 13.80
N LEU A 281 17.53 29.85 12.77
CA LEU A 281 16.06 29.81 12.48
C LEU A 281 15.26 29.35 13.71
N ALA A 282 15.64 28.22 14.29
CA ALA A 282 14.98 27.72 15.51
C ALA A 282 14.83 28.81 16.56
N SER A 283 15.96 29.39 16.94
CA SER A 283 15.96 30.31 18.04
C SER A 283 15.15 31.58 17.70
N ALA A 284 15.22 32.01 16.45
CA ALA A 284 14.43 33.16 16.02
C ALA A 284 12.95 32.87 16.18
N LEU A 285 12.54 31.67 15.75
CA LEU A 285 11.17 31.20 15.95
C LEU A 285 10.77 30.99 17.43
N HIS A 286 11.72 30.66 18.31
CA HIS A 286 11.33 30.49 19.69
C HIS A 286 11.27 31.88 20.33
N THR A 287 12.23 32.73 20.02
CA THR A 287 12.35 34.05 20.63
C THR A 287 11.46 35.20 20.10
N HIS A 288 11.11 35.21 18.82
CA HIS A 288 10.40 36.40 18.24
C HIS A 288 8.98 36.13 17.77
N TYR A 289 8.50 34.93 18.06
CA TYR A 289 7.17 34.57 17.68
C TYR A 289 6.52 33.84 18.86
N SER A 290 6.95 34.17 20.08
CA SER A 290 6.51 33.47 21.29
C SER A 290 5.06 33.75 21.68
N GLN A 291 4.50 34.82 21.14
CA GLN A 291 3.11 35.19 21.39
C GLN A 291 2.20 34.28 20.55
N LEU A 292 2.47 34.22 19.24
CA LEU A 292 1.71 33.40 18.30
C LEU A 292 1.82 31.96 18.76
N ARG A 293 3.06 31.55 18.97
CA ARG A 293 3.37 30.22 19.45
C ARG A 293 2.54 29.86 20.66
N LYS A 294 2.59 30.67 21.71
CA LYS A 294 1.88 30.33 22.95
C LYS A 294 0.38 30.16 22.70
N SER A 295 -0.24 31.05 21.92
CA SER A 295 -1.66 30.92 21.58
C SER A 295 -1.96 29.60 20.85
N LEU A 296 -1.08 29.24 19.92
CA LEU A 296 -1.17 27.94 19.24
C LEU A 296 -0.91 26.76 20.15
N GLN A 297 0.00 26.91 21.10
CA GLN A 297 0.19 25.86 22.09
C GLN A 297 -1.14 25.62 22.79
N GLN A 298 -1.70 26.69 23.32
CA GLN A 298 -2.96 26.59 24.04
C GLN A 298 -3.94 25.84 23.14
N PHE A 299 -4.07 26.32 21.90
CA PHE A 299 -4.97 25.72 20.93
C PHE A 299 -4.78 24.20 20.78
N VAL A 300 -3.53 23.77 20.61
CA VAL A 300 -3.20 22.34 20.47
C VAL A 300 -3.50 21.53 21.74
N THR A 301 -3.20 22.07 22.91
CA THR A 301 -3.60 21.39 24.17
C THR A 301 -5.11 21.24 24.21
N ASN A 302 -5.85 22.31 23.95
CA ASN A 302 -7.31 22.24 23.88
C ASN A 302 -7.88 21.34 22.76
N LEU A 303 -7.20 21.22 21.61
CA LEU A 303 -7.68 20.25 20.60
C LEU A 303 -7.43 18.83 21.07
N SER A 304 -6.28 18.60 21.71
CA SER A 304 -5.94 17.26 22.15
C SER A 304 -6.92 16.78 23.22
N THR A 305 -7.05 17.59 24.28
CA THR A 305 -8.07 17.42 25.32
C THR A 305 -9.46 17.11 24.71
N GLU A 306 -9.88 17.86 23.69
CA GLU A 306 -11.24 17.69 23.16
C GLU A 306 -11.46 16.44 22.28
N GLU A 307 -10.39 15.83 21.77
CA GLU A 307 -10.49 14.57 21.00
C GLU A 307 -10.09 13.37 21.88
N ALA A 308 -9.62 13.68 23.08
CA ALA A 308 -9.21 12.69 24.07
C ALA A 308 -7.98 11.87 23.64
N ARG A 309 -6.90 12.55 23.29
CA ARG A 309 -5.59 11.90 23.15
C ARG A 309 -4.45 12.90 23.29
N PRO A 310 -3.87 12.98 24.50
CA PRO A 310 -2.74 13.87 24.81
C PRO A 310 -1.43 13.63 24.07
N ASP A 311 -1.35 12.59 23.26
CA ASP A 311 -0.19 12.39 22.41
C ASP A 311 -0.01 13.57 21.39
N LEU A 312 -1.12 14.08 20.86
CA LEU A 312 -1.13 15.16 19.93
C LEU A 312 -0.07 16.22 20.23
N ILE A 313 0.06 16.60 21.50
CA ILE A 313 0.97 17.66 21.91
C ILE A 313 2.43 17.35 21.60
N GLN A 314 2.72 16.09 21.37
CA GLN A 314 4.07 15.61 21.10
C GLN A 314 4.34 15.44 19.61
N THR A 315 3.32 15.75 18.80
CA THR A 315 3.47 15.82 17.37
C THR A 315 3.95 17.19 16.95
N ASN A 316 4.33 17.27 15.67
CA ASN A 316 4.72 18.50 15.04
C ASN A 316 3.60 19.48 14.80
N LEU A 317 2.37 19.22 15.27
CA LEU A 317 1.26 20.12 14.93
C LEU A 317 1.54 21.58 15.32
N LEU A 318 2.15 21.78 16.48
CA LEU A 318 2.44 23.10 16.94
C LEU A 318 3.40 23.82 15.95
N ASP A 319 4.54 23.22 15.63
CA ASP A 319 5.47 23.77 14.67
C ASP A 319 4.89 23.96 13.24
N ASN A 320 3.98 23.06 12.84
CA ASN A 320 3.41 23.18 11.51
C ASN A 320 2.44 24.38 11.45
N LEU A 321 1.61 24.51 12.48
CA LEU A 321 0.61 25.59 12.56
C LEU A 321 1.32 26.95 12.68
N LEU A 322 2.37 27.04 13.50
CA LEU A 322 3.22 28.23 13.54
C LEU A 322 3.71 28.63 12.16
N LEU A 323 4.29 27.70 11.44
CA LEU A 323 4.72 28.04 10.11
C LEU A 323 3.54 28.46 9.20
N LEU A 324 2.37 27.85 9.36
CA LEU A 324 1.26 28.20 8.52
C LEU A 324 0.87 29.68 8.85
N PHE A 325 0.83 30.01 10.13
CA PHE A 325 0.43 31.33 10.57
C PHE A 325 1.46 32.33 10.14
N ILE A 326 2.72 31.97 10.24
CA ILE A 326 3.75 32.86 9.79
C ILE A 326 3.52 33.20 8.32
N LYS A 327 3.35 32.20 7.49
CA LYS A 327 3.17 32.44 6.07
C LYS A 327 1.99 33.38 5.84
N TYR A 328 0.95 33.29 6.65
CA TYR A 328 -0.21 34.12 6.43
C TYR A 328 -0.06 35.50 7.00
N THR A 329 0.61 35.63 8.12
CA THR A 329 0.73 36.95 8.74
C THR A 329 1.92 37.78 8.17
N GLU A 330 2.86 37.14 7.45
CA GLU A 330 3.89 37.89 6.76
C GLU A 330 3.29 38.86 5.71
N SER A 331 2.34 38.43 4.88
CA SER A 331 1.57 39.37 4.07
C SER A 331 0.21 38.81 3.72
N PRO A 332 -0.85 39.28 4.36
CA PRO A 332 -2.14 38.68 4.02
C PRO A 332 -2.54 38.89 2.56
N THR A 333 -2.17 40.03 1.97
CA THR A 333 -2.43 40.28 0.57
C THR A 333 -1.74 39.21 -0.26
N LEU A 334 -0.44 39.03 -0.04
CA LEU A 334 0.25 38.04 -0.78
C LEU A 334 -0.19 36.62 -0.50
N SER A 335 -0.41 36.26 0.77
CA SER A 335 -0.68 34.86 1.10
C SER A 335 -2.00 34.46 0.43
N GLU A 336 -2.90 35.43 0.39
CA GLU A 336 -4.17 35.26 -0.26
C GLU A 336 -4.00 35.07 -1.78
N GLN A 337 -3.30 36.00 -2.40
CA GLN A 337 -3.02 35.90 -3.82
C GLN A 337 -2.28 34.62 -4.18
N PHE A 338 -1.40 34.13 -3.31
CA PHE A 338 -0.67 32.89 -3.61
C PHE A 338 -1.49 31.60 -3.63
N GLN A 339 -2.69 31.67 -3.09
CA GLN A 339 -3.61 30.56 -3.07
C GLN A 339 -4.01 30.11 -4.48
N LEU A 340 -3.96 31.05 -5.42
CA LEU A 340 -4.27 30.78 -6.80
C LEU A 340 -3.28 29.78 -7.42
N GLU A 341 -2.06 29.68 -6.93
CA GLU A 341 -1.17 28.62 -7.41
C GLU A 341 -1.87 27.21 -7.38
N TYR A 342 -2.92 26.99 -6.59
CA TYR A 342 -3.48 25.64 -6.48
C TYR A 342 -4.97 25.59 -6.73
N GLN A 343 -5.51 24.39 -7.00
CA GLN A 343 -6.97 24.21 -7.05
C GLN A 343 -7.60 24.18 -5.64
N GLU A 344 -8.38 25.24 -5.37
CA GLU A 344 -9.11 25.44 -4.13
C GLU A 344 -10.34 24.55 -4.26
N LEU A 345 -10.23 23.37 -3.65
CA LEU A 345 -11.01 22.21 -4.03
C LEU A 345 -12.19 22.07 -3.09
N LEU A 354 -15.90 18.62 9.96
CA LEU A 354 -17.04 19.06 10.80
C LEU A 354 -16.62 19.31 12.26
N ALA A 355 -15.99 18.32 12.89
CA ALA A 355 -15.56 18.41 14.30
C ALA A 355 -14.29 19.28 14.46
N LEU A 356 -13.41 19.24 13.45
CA LEU A 356 -12.26 20.17 13.38
C LEU A 356 -12.75 21.57 13.06
N SER A 357 -13.65 21.68 12.08
CA SER A 357 -14.16 22.97 11.61
C SER A 357 -14.87 23.78 12.71
N LYS A 358 -15.42 23.12 13.73
CA LYS A 358 -15.92 23.85 14.90
C LYS A 358 -14.76 24.40 15.73
N SER A 359 -13.82 23.52 16.10
CA SER A 359 -12.66 23.92 16.89
C SER A 359 -11.71 24.85 16.13
N ASN A 360 -11.80 24.85 14.80
CA ASN A 360 -11.03 25.77 13.96
C ASN A 360 -11.56 27.22 14.03
N GLN A 361 -12.76 27.42 14.59
CA GLN A 361 -13.18 28.80 14.93
C GLN A 361 -12.24 29.45 15.94
N GLU A 362 -11.52 28.66 16.74
CA GLU A 362 -10.47 29.24 17.59
C GLU A 362 -9.23 29.62 16.79
N LEU A 363 -8.88 28.83 15.77
CA LEU A 363 -7.75 29.17 14.89
C LEU A 363 -8.04 30.45 14.14
N LEU A 364 -9.27 30.53 13.64
CA LEU A 364 -9.76 31.68 12.93
C LEU A 364 -9.78 32.94 13.80
N GLU A 365 -10.11 32.86 15.09
CA GLU A 365 -10.04 34.06 15.91
C GLU A 365 -8.59 34.48 16.24
N ILE A 366 -7.70 33.51 16.44
CA ILE A 366 -6.28 33.80 16.68
C ILE A 366 -5.68 34.56 15.49
N LEU A 367 -6.13 34.26 14.28
CA LEU A 367 -5.60 34.91 13.09
C LEU A 367 -6.10 36.34 12.91
N SER A 368 -7.10 36.76 13.70
CA SER A 368 -7.49 38.17 13.75
C SER A 368 -6.45 38.94 14.57
N ARG A 369 -6.07 38.33 15.67
CA ARG A 369 -5.08 38.88 16.59
C ARG A 369 -3.73 39.28 16.01
N TYR A 370 -3.35 38.77 14.83
CA TYR A 370 -2.04 39.11 14.20
C TYR A 370 -2.18 39.71 12.84
N THR A 371 -3.36 39.60 12.25
CA THR A 371 -3.54 39.91 10.85
C THR A 371 -4.99 40.01 10.55
N THR A 372 -5.33 40.42 9.33
CA THR A 372 -6.69 40.24 8.84
C THR A 372 -6.74 39.46 7.54
N ILE A 373 -7.80 38.68 7.42
CA ILE A 373 -8.02 37.77 6.28
C ILE A 373 -9.55 37.74 5.93
N GLU A 374 -9.84 37.59 4.63
CA GLU A 374 -11.18 37.77 4.06
C GLU A 374 -11.97 36.44 3.90
N GLU A 375 -11.52 35.61 2.94
CA GLU A 375 -12.08 34.27 2.69
C GLU A 375 -11.12 33.23 3.26
N PRO A 376 -11.36 32.79 4.51
CA PRO A 376 -10.36 31.95 5.12
C PRO A 376 -10.50 30.47 4.75
N THR A 377 -11.37 30.13 3.81
CA THR A 377 -11.63 28.74 3.53
C THR A 377 -10.38 27.95 3.19
N TYR A 378 -9.43 28.58 2.49
CA TYR A 378 -8.23 27.84 2.01
C TYR A 378 -7.33 27.62 3.18
N PHE A 379 -7.17 28.66 3.99
CA PHE A 379 -6.40 28.60 5.18
C PHE A 379 -6.91 27.53 6.15
N LEU A 380 -8.22 27.54 6.43
CA LEU A 380 -8.80 26.51 7.27
C LEU A 380 -8.57 25.16 6.68
N SER A 381 -8.67 25.02 5.38
CA SER A 381 -8.39 23.72 4.83
C SER A 381 -6.91 23.32 5.03
N LEU A 382 -5.95 24.24 5.03
CA LEU A 382 -4.57 23.83 5.30
C LEU A 382 -4.48 23.48 6.78
N ALA A 383 -5.19 24.27 7.60
CA ALA A 383 -5.16 24.03 9.02
C ALA A 383 -5.56 22.59 9.23
N SER A 384 -6.65 22.18 8.57
CA SER A 384 -7.25 20.85 8.69
C SER A 384 -6.32 19.75 8.23
N LEU A 385 -5.64 19.95 7.11
CA LEU A 385 -4.69 18.96 6.65
C LEU A 385 -3.62 18.74 7.69
N LEU A 386 -3.05 19.81 8.23
CA LEU A 386 -2.05 19.71 9.29
C LEU A 386 -2.61 19.02 10.54
N GLU A 387 -3.80 19.39 10.96
CA GLU A 387 -4.45 18.71 12.09
C GLU A 387 -4.65 17.22 11.85
N LYS A 388 -5.32 16.92 10.74
CA LYS A 388 -5.60 15.56 10.35
C LYS A 388 -4.31 14.76 10.29
N GLN A 389 -3.28 15.32 9.67
CA GLN A 389 -2.00 14.68 9.60
C GLN A 389 -1.49 14.30 11.00
N ALA A 390 -1.48 15.29 11.90
CA ALA A 390 -0.95 15.08 13.25
C ALA A 390 -1.67 13.93 13.93
N ILE A 391 -2.99 13.91 13.76
CA ILE A 391 -3.84 12.98 14.48
C ILE A 391 -3.60 11.56 13.95
N TYR A 392 -3.38 11.43 12.63
CA TYR A 392 -3.14 10.13 12.03
C TYR A 392 -1.75 9.60 12.37
N SER A 393 -0.79 10.45 12.68
CA SER A 393 0.54 9.96 13.02
C SER A 393 0.58 9.22 14.36
N ILE A 394 -0.49 9.37 15.14
CA ILE A 394 -0.54 8.87 16.51
C ILE A 394 -1.72 7.93 16.78
N GLN A 395 -2.70 7.88 15.88
CA GLN A 395 -3.83 6.99 16.03
C GLN A 395 -3.41 5.56 15.67
N ALA A 396 -4.06 4.60 16.30
CA ALA A 396 -3.55 3.23 16.45
C ALA A 396 -3.89 2.34 15.25
N GLN A 397 -5.14 1.85 15.23
CA GLN A 397 -5.67 1.07 14.11
C GLN A 397 -7.14 1.45 13.97
N THR A 398 -7.62 1.59 12.74
CA THR A 398 -8.97 2.12 12.47
C THR A 398 -9.91 1.09 11.84
N MSE A 399 -9.60 -0.18 12.08
CA MSE A 399 -10.19 -1.26 11.34
C MSE A 399 -9.61 -2.49 11.95
O MSE A 399 -8.43 -2.51 12.26
CB MSE A 399 -9.73 -1.23 9.90
CG MSE A 399 -10.74 -0.73 8.96
SE MSE A 399 -10.20 -1.23 7.20
CE MSE A 399 -10.88 -3.02 7.23
N THR A 400 -10.44 -3.52 12.07
CA THR A 400 -9.96 -4.82 12.43
C THR A 400 -10.35 -5.76 11.30
N ALA A 401 -9.32 -6.29 10.64
CA ALA A 401 -9.51 -7.41 9.71
C ALA A 401 -9.53 -8.72 10.51
N TYR A 402 -10.73 -9.22 10.82
CA TYR A 402 -10.89 -10.50 11.55
C TYR A 402 -10.56 -11.64 10.62
N PHE A 403 -9.80 -12.60 11.13
CA PHE A 403 -9.13 -13.55 10.26
C PHE A 403 -9.41 -14.96 10.72
N LEU A 404 -10.24 -15.66 9.95
CA LEU A 404 -10.67 -17.00 10.21
C LEU A 404 -10.13 -17.87 9.09
N PHE A 405 -9.21 -18.76 9.45
CA PHE A 405 -8.47 -19.55 8.48
C PHE A 405 -8.27 -20.96 8.98
N GLN A 406 -8.81 -21.92 8.25
CA GLN A 406 -8.68 -23.33 8.58
C GLN A 406 -7.80 -23.94 7.49
N GLY A 407 -6.82 -24.72 7.87
CA GLY A 407 -5.90 -25.25 6.90
C GLY A 407 -4.58 -25.35 7.58
N GLU A 408 -3.55 -25.67 6.82
CA GLU A 408 -2.25 -26.01 7.39
C GLU A 408 -1.73 -24.89 8.26
N PRO A 409 -1.46 -25.17 9.52
CA PRO A 409 -1.01 -24.20 10.52
C PRO A 409 0.24 -23.37 10.15
N ALA A 410 1.31 -23.98 9.65
CA ALA A 410 2.48 -23.21 9.16
C ALA A 410 2.10 -22.17 8.11
N TRP A 411 1.24 -22.56 7.20
CA TRP A 411 0.85 -21.64 6.12
C TRP A 411 -0.12 -20.57 6.64
N LYS A 412 -1.04 -20.91 7.54
CA LYS A 412 -1.82 -19.87 8.19
C LYS A 412 -0.93 -18.82 8.82
N ALA A 413 0.12 -19.22 9.53
CA ALA A 413 0.88 -18.21 10.27
C ALA A 413 1.67 -17.29 9.34
N PHE A 414 2.11 -17.83 8.23
CA PHE A 414 2.87 -17.06 7.28
C PHE A 414 1.92 -16.14 6.51
N LEU A 415 0.82 -16.71 6.07
CA LEU A 415 -0.19 -15.95 5.41
C LEU A 415 -0.72 -14.80 6.31
N GLN A 416 -0.86 -15.06 7.61
CA GLN A 416 -1.37 -14.04 8.51
C GLN A 416 -0.44 -12.83 8.56
N GLN A 417 0.84 -13.13 8.59
CA GLN A 417 1.89 -12.14 8.67
C GLN A 417 2.04 -11.32 7.36
N GLU A 418 1.96 -11.99 6.21
CA GLU A 418 2.00 -11.29 4.93
C GLU A 418 0.81 -10.32 4.78
N LEU A 419 -0.40 -10.82 4.98
CA LEU A 419 -1.59 -9.99 5.03
C LEU A 419 -1.56 -8.78 5.96
N ALA A 420 -1.11 -8.95 7.19
CA ALA A 420 -1.05 -7.81 8.14
C ALA A 420 -0.07 -6.74 7.64
N ALA A 421 1.10 -7.18 7.18
CA ALA A 421 2.11 -6.28 6.59
C ALA A 421 1.55 -5.55 5.40
N TYR A 422 0.93 -6.25 4.49
CA TYR A 422 0.38 -5.66 3.30
C TYR A 422 -0.83 -4.79 3.54
N LEU A 423 -1.57 -5.04 4.59
CA LEU A 423 -2.74 -4.24 4.85
C LEU A 423 -2.32 -2.94 5.54
N GLY A 424 -1.06 -2.90 5.97
CA GLY A 424 -0.48 -1.71 6.52
C GLY A 424 -0.76 -1.59 7.99
N THR A 425 -0.27 -0.49 8.56
CA THR A 425 -0.18 -0.30 10.00
C THR A 425 -1.44 0.29 10.61
N ARG A 426 -2.48 0.45 9.82
CA ARG A 426 -3.73 1.00 10.32
C ARG A 426 -4.80 -0.07 10.46
N VAL A 427 -4.68 -1.14 9.66
CA VAL A 427 -5.50 -2.32 9.79
C VAL A 427 -4.87 -3.30 10.79
N LYS A 428 -5.65 -3.62 11.82
CA LYS A 428 -5.33 -4.70 12.75
C LYS A 428 -5.86 -6.01 12.13
N LEU A 429 -4.98 -7.02 12.02
CA LEU A 429 -5.39 -8.34 11.55
C LEU A 429 -5.43 -9.24 12.74
N GLN A 430 -6.63 -9.61 13.16
CA GLN A 430 -6.77 -10.44 14.33
C GLN A 430 -7.32 -11.81 13.94
N ALA A 431 -6.57 -12.83 14.36
CA ALA A 431 -6.91 -14.23 14.19
C ALA A 431 -8.03 -14.58 15.15
N ILE A 432 -9.16 -15.05 14.64
CA ILE A 432 -10.22 -15.52 15.52
C ILE A 432 -10.72 -16.95 15.21
N GLU A 433 -11.34 -17.56 16.20
CA GLU A 433 -11.90 -18.87 16.04
C GLU A 433 -13.38 -18.75 15.87
N TYR A 434 -14.00 -19.77 15.27
CA TYR A 434 -15.43 -19.76 15.02
C TYR A 434 -16.21 -19.52 16.29
N VAL A 435 -15.82 -20.22 17.36
CA VAL A 435 -16.48 -20.05 18.67
C VAL A 435 -16.54 -18.56 19.06
N GLU A 436 -15.42 -17.85 18.93
CA GLU A 436 -15.33 -16.45 19.36
C GLU A 436 -16.11 -15.48 18.49
N LEU A 437 -16.44 -15.88 17.28
CA LEU A 437 -17.12 -14.97 16.36
C LEU A 437 -18.62 -14.80 16.69
N SER A 438 -18.92 -14.49 17.96
CA SER A 438 -20.26 -14.08 18.39
C SER A 438 -20.16 -12.61 18.81
N GLN A 439 -19.55 -11.80 17.95
CA GLN A 439 -18.89 -10.55 18.37
C GLN A 439 -19.63 -9.23 17.99
N LEU A 440 -20.03 -8.47 18.99
CA LEU A 440 -20.63 -7.15 18.79
C LEU A 440 -19.52 -6.10 18.85
N THR A 441 -18.41 -6.35 18.15
CA THR A 441 -17.26 -5.44 18.12
C THR A 441 -17.11 -4.87 16.71
N LEU A 442 -18.20 -4.96 15.93
CA LEU A 442 -18.14 -4.63 14.52
C LEU A 442 -18.62 -3.20 14.29
N ASN A 443 -17.84 -2.46 13.52
CA ASN A 443 -18.12 -1.09 13.23
C ASN A 443 -18.28 -0.99 11.72
N GLU A 444 -18.90 0.09 11.27
CA GLU A 444 -19.05 0.33 9.83
C GLU A 444 -17.78 -0.05 9.03
N ALA A 445 -16.61 0.02 9.68
CA ALA A 445 -15.30 -0.16 9.00
C ALA A 445 -14.80 -1.62 8.95
N ASP A 446 -15.10 -2.38 9.99
CA ASP A 446 -14.52 -3.71 10.18
C ASP A 446 -14.98 -4.76 9.19
N ILE A 447 -14.14 -5.78 9.04
CA ILE A 447 -14.46 -6.92 8.17
C ILE A 447 -13.98 -8.22 8.77
N ILE A 448 -14.41 -9.31 8.15
CA ILE A 448 -13.97 -10.66 8.45
C ILE A 448 -13.32 -11.18 7.17
N ILE A 449 -12.08 -11.68 7.27
CA ILE A 449 -11.43 -12.43 6.20
C ILE A 449 -11.48 -13.92 6.54
N SER A 450 -11.93 -14.73 5.58
CA SER A 450 -12.07 -16.15 5.81
C SER A 450 -11.76 -17.01 4.58
N ASN A 451 -11.44 -18.28 4.85
CA ASN A 451 -11.39 -19.33 3.80
C ASN A 451 -12.42 -20.44 4.10
N PHE A 452 -13.32 -20.15 5.02
CA PHE A 452 -14.31 -21.09 5.48
C PHE A 452 -15.70 -20.48 5.29
N PRO A 453 -16.61 -21.20 4.60
CA PRO A 453 -17.86 -20.64 4.10
C PRO A 453 -18.69 -19.81 5.09
N LEU A 454 -18.97 -20.32 6.29
CA LEU A 454 -19.61 -19.50 7.30
C LEU A 454 -21.09 -19.16 6.95
N ASP A 458 -24.73 -14.01 8.14
CA ASP A 458 -24.99 -12.87 9.03
C ASP A 458 -24.19 -11.64 8.62
N LEU A 459 -22.86 -11.80 8.56
CA LEU A 459 -21.89 -10.68 8.59
C LEU A 459 -21.24 -10.37 7.23
N PRO A 460 -20.37 -9.33 7.18
CA PRO A 460 -19.65 -8.97 5.94
C PRO A 460 -18.32 -9.72 5.78
N VAL A 461 -18.30 -10.68 4.87
CA VAL A 461 -17.21 -11.63 4.84
C VAL A 461 -16.45 -11.57 3.54
N PHE A 462 -15.14 -11.48 3.68
CA PHE A 462 -14.25 -11.47 2.54
C PHE A 462 -13.50 -12.79 2.45
N TYR A 463 -13.81 -13.53 1.40
CA TYR A 463 -13.29 -14.85 1.17
C TYR A 463 -11.95 -14.83 0.46
N LEU A 464 -10.97 -15.54 1.03
CA LEU A 464 -9.63 -15.60 0.51
C LEU A 464 -9.41 -17.00 -0.01
N SER A 465 -8.66 -17.14 -1.10
CA SER A 465 -8.26 -18.47 -1.58
C SER A 465 -7.11 -18.89 -0.67
N LEU A 466 -6.86 -20.19 -0.61
CA LEU A 466 -5.77 -20.75 0.18
C LEU A 466 -4.48 -20.09 -0.21
N ILE A 467 -4.28 -19.93 -1.51
CA ILE A 467 -3.24 -19.05 -1.97
C ILE A 467 -3.92 -17.84 -2.58
N PRO A 468 -3.94 -16.71 -1.83
CA PRO A 468 -4.68 -15.52 -2.25
C PRO A 468 -4.35 -15.14 -3.68
N THR A 469 -5.37 -14.85 -4.47
CA THR A 469 -5.15 -14.48 -5.85
C THR A 469 -4.90 -12.98 -5.94
N LYS A 470 -4.42 -12.58 -7.12
CA LYS A 470 -4.14 -11.19 -7.44
C LYS A 470 -5.41 -10.35 -7.35
N ASN A 471 -6.52 -10.92 -7.77
CA ASN A 471 -7.82 -10.28 -7.67
C ASN A 471 -8.24 -10.07 -6.19
N GLU A 472 -8.17 -11.14 -5.39
CA GLU A 472 -8.52 -11.04 -3.97
C GLU A 472 -7.79 -9.88 -3.27
N LEU A 473 -6.49 -9.75 -3.54
CA LEU A 473 -5.63 -8.74 -2.91
C LEU A 473 -5.86 -7.28 -3.37
N ARG A 474 -6.18 -7.07 -4.65
CA ARG A 474 -6.73 -5.78 -5.11
C ARG A 474 -7.94 -5.38 -4.25
N ARG A 475 -8.97 -6.22 -4.23
CA ARG A 475 -10.21 -5.86 -3.57
C ARG A 475 -9.97 -5.64 -2.09
N LEU A 476 -9.02 -6.41 -1.55
CA LEU A 476 -8.69 -6.31 -0.14
C LEU A 476 -8.06 -4.95 0.17
N ALA A 477 -7.11 -4.51 -0.64
CA ALA A 477 -6.50 -3.18 -0.46
C ALA A 477 -7.58 -2.10 -0.60
N GLU A 478 -8.39 -2.22 -1.66
CA GLU A 478 -9.52 -1.33 -1.89
C GLU A 478 -10.34 -1.13 -0.63
N LEU A 479 -10.76 -2.20 0.00
CA LEU A 479 -11.56 -2.10 1.22
C LEU A 479 -10.82 -1.56 2.47
N THR A 480 -9.50 -1.35 2.39
CA THR A 480 -8.79 -0.61 3.45
C THR A 480 -8.79 0.90 3.27
N LEU A 481 -9.20 1.38 2.10
CA LEU A 481 -8.98 2.78 1.69
C LEU A 481 -9.60 3.86 2.54
N HIS A 482 -10.73 3.59 3.18
CA HIS A 482 -11.33 4.58 4.08
C HIS A 482 -10.52 4.69 5.36
N SER A 483 -9.52 3.84 5.51
CA SER A 483 -8.73 3.86 6.71
C SER A 483 -7.42 4.59 6.44
N TYR A 484 -7.18 4.97 5.18
CA TYR A 484 -5.90 5.56 4.77
C TYR A 484 -5.87 7.05 4.28
N PHE A 485 -6.79 7.49 3.43
CA PHE A 485 -6.62 8.85 2.84
C PHE A 485 -7.62 9.92 3.32
N PRO B 92 -25.96 -34.57 -5.52
CA PRO B 92 -26.84 -35.70 -5.13
C PRO B 92 -26.88 -36.82 -6.20
N GLN B 93 -26.79 -36.41 -7.45
CA GLN B 93 -26.77 -37.33 -8.57
C GLN B 93 -25.33 -37.59 -9.04
N SER B 94 -24.36 -36.97 -8.37
CA SER B 94 -23.00 -37.36 -8.59
C SER B 94 -22.90 -38.74 -8.02
N ILE B 95 -22.93 -39.73 -8.92
CA ILE B 95 -22.59 -41.11 -8.58
C ILE B 95 -21.26 -41.23 -7.75
N SER B 96 -20.38 -40.22 -7.86
CA SER B 96 -19.04 -40.21 -7.29
C SER B 96 -19.17 -40.07 -5.76
N ILE B 97 -19.31 -38.82 -5.25
CA ILE B 97 -19.97 -38.54 -3.97
C ILE B 97 -20.74 -39.77 -3.41
N GLN B 98 -21.87 -40.07 -4.05
CA GLN B 98 -22.70 -41.15 -3.63
C GLN B 98 -21.85 -42.39 -3.26
N LEU B 99 -20.91 -42.84 -4.12
CA LEU B 99 -20.00 -43.94 -3.69
C LEU B 99 -19.07 -43.56 -2.46
N LEU B 100 -18.71 -42.27 -2.32
CA LEU B 100 -17.82 -41.82 -1.23
C LEU B 100 -18.57 -42.08 0.09
N LYS B 101 -19.78 -41.54 0.14
CA LYS B 101 -20.67 -41.69 1.27
C LYS B 101 -20.83 -43.12 1.72
N GLU B 102 -21.23 -44.02 0.86
CA GLU B 102 -21.37 -45.39 1.37
C GLU B 102 -20.02 -45.86 2.02
N LEU B 103 -18.91 -45.70 1.29
CA LEU B 103 -17.59 -46.02 1.85
C LEU B 103 -17.11 -45.07 2.94
N LEU B 104 -17.66 -43.84 3.06
CA LEU B 104 -17.43 -43.00 4.27
C LEU B 104 -18.06 -43.70 5.51
N PHE B 105 -19.33 -44.08 5.36
CA PHE B 105 -20.10 -44.78 6.39
C PHE B 105 -20.08 -46.30 6.33
N THR B 106 -19.39 -46.96 5.38
CA THR B 106 -19.35 -48.44 5.32
C THR B 106 -18.09 -49.03 4.69
N LYS B 107 -17.44 -49.97 5.39
CA LYS B 107 -16.16 -50.55 4.92
C LYS B 107 -16.24 -51.30 3.60
N GLU B 108 -16.98 -52.41 3.60
CA GLU B 108 -17.29 -53.20 2.39
C GLU B 108 -18.68 -52.86 1.86
N LEU B 109 -18.81 -52.85 0.54
CA LEU B 109 -20.12 -52.76 -0.11
C LEU B 109 -20.39 -54.05 -0.90
N VAL B 110 -21.66 -54.45 -0.92
CA VAL B 110 -22.20 -55.44 -1.89
C VAL B 110 -22.50 -54.64 -3.20
N THR B 111 -21.83 -54.98 -4.30
CA THR B 111 -21.80 -54.10 -5.51
C THR B 111 -23.11 -54.03 -6.25
N THR B 112 -23.79 -55.18 -6.41
CA THR B 112 -25.22 -55.23 -6.85
C THR B 112 -26.06 -54.22 -6.07
N SER B 113 -25.89 -54.20 -4.74
CA SER B 113 -26.57 -53.20 -3.94
C SER B 113 -26.34 -51.80 -4.53
N PHE B 114 -25.09 -51.33 -4.60
CA PHE B 114 -24.82 -50.12 -5.41
C PHE B 114 -25.29 -50.22 -6.95
N LEU B 115 -24.86 -51.31 -7.58
CA LEU B 115 -25.20 -51.46 -8.98
C LEU B 115 -26.66 -51.05 -9.21
N SER B 116 -27.55 -51.63 -8.39
CA SER B 116 -28.95 -51.28 -8.49
C SER B 116 -29.32 -50.11 -7.57
N THR B 117 -28.61 -49.92 -6.45
CA THR B 117 -29.03 -48.85 -5.54
C THR B 117 -28.89 -47.47 -6.14
N SER B 118 -28.66 -47.38 -7.45
CA SER B 118 -28.13 -46.19 -8.08
C SER B 118 -28.43 -46.26 -9.58
N GLY B 119 -27.89 -47.28 -10.25
CA GLY B 119 -27.97 -47.45 -11.70
C GLY B 119 -26.63 -47.88 -12.29
N TYR B 122 -22.77 -52.41 -14.32
CA TYR B 122 -21.50 -52.71 -13.64
C TYR B 122 -20.38 -52.06 -14.42
N GLU B 123 -20.38 -52.29 -15.73
CA GLU B 123 -19.39 -51.66 -16.61
C GLU B 123 -19.33 -50.09 -16.43
N THR B 124 -20.50 -49.43 -16.32
CA THR B 124 -20.61 -47.96 -16.16
C THR B 124 -19.83 -47.52 -14.92
N LEU B 125 -19.97 -48.32 -13.87
CA LEU B 125 -19.35 -48.09 -12.56
C LEU B 125 -17.84 -48.27 -12.60
N LYS B 126 -17.39 -49.29 -13.35
CA LYS B 126 -15.96 -49.51 -13.59
C LYS B 126 -15.35 -48.24 -14.21
N ARG B 127 -16.06 -47.62 -15.17
CA ARG B 127 -15.68 -46.28 -15.73
C ARG B 127 -15.55 -45.13 -14.71
N HIS B 128 -16.58 -44.94 -13.89
CA HIS B 128 -16.59 -43.88 -12.86
C HIS B 128 -15.44 -44.05 -11.81
N ILE B 129 -15.23 -45.32 -11.40
CA ILE B 129 -14.19 -45.71 -10.43
C ILE B 129 -12.77 -45.50 -10.96
N LYS B 130 -12.46 -45.95 -12.19
CA LYS B 130 -11.10 -45.71 -12.72
C LYS B 130 -10.74 -44.21 -12.91
N LYS B 131 -11.75 -43.36 -13.17
CA LYS B 131 -11.56 -41.90 -13.14
C LYS B 131 -11.50 -41.41 -11.70
N MSE B 132 -12.36 -41.95 -10.84
CA MSE B 132 -12.21 -41.62 -9.45
C MSE B 132 -10.80 -41.96 -9.05
O MSE B 132 -10.13 -41.14 -8.42
CB MSE B 132 -13.16 -42.40 -8.54
CG MSE B 132 -14.57 -41.86 -8.48
SE MSE B 132 -15.73 -43.11 -7.53
CE MSE B 132 -15.09 -42.93 -5.67
N ASN B 133 -10.36 -43.16 -9.46
CA ASN B 133 -9.15 -43.74 -8.92
C ASN B 133 -7.88 -42.96 -9.21
N GLN B 134 -7.96 -42.04 -10.15
CA GLN B 134 -6.80 -41.22 -10.52
C GLN B 134 -6.57 -40.15 -9.44
N ALA B 135 -7.64 -39.60 -8.88
CA ALA B 135 -7.52 -38.74 -7.67
C ALA B 135 -7.11 -39.57 -6.46
N LEU B 136 -7.78 -40.69 -6.19
CA LEU B 136 -7.45 -41.59 -5.08
C LEU B 136 -5.96 -41.86 -4.93
N ARG B 137 -5.35 -42.25 -6.06
CA ARG B 137 -3.89 -42.37 -6.14
C ARG B 137 -3.13 -41.15 -5.53
N ASP B 138 -3.56 -39.92 -5.81
CA ASP B 138 -2.97 -38.75 -5.15
C ASP B 138 -2.99 -38.82 -3.60
N PHE B 139 -3.77 -39.77 -3.02
CA PHE B 139 -3.78 -40.09 -1.58
C PHE B 139 -3.37 -41.51 -1.24
N HIS B 140 -2.76 -42.23 -2.21
CA HIS B 140 -2.43 -43.66 -2.04
C HIS B 140 -3.67 -44.50 -1.70
N LEU B 141 -4.77 -44.11 -2.32
CA LEU B 141 -6.03 -44.85 -2.23
C LEU B 141 -6.34 -45.48 -3.58
N THR B 142 -7.19 -46.50 -3.55
CA THR B 142 -7.96 -46.90 -4.76
C THR B 142 -9.24 -47.68 -4.43
N ILE B 143 -10.27 -47.42 -5.24
CA ILE B 143 -11.50 -48.21 -5.26
C ILE B 143 -11.33 -49.53 -6.05
N GLN B 144 -11.84 -50.63 -5.51
CA GLN B 144 -11.77 -51.96 -6.16
C GLN B 144 -13.17 -52.47 -6.38
N LEU B 145 -13.42 -52.95 -7.57
CA LEU B 145 -14.72 -53.46 -7.95
C LEU B 145 -14.50 -54.95 -8.20
N THR B 146 -15.30 -55.80 -7.54
CA THR B 146 -15.61 -57.15 -8.05
C THR B 146 -17.13 -57.18 -8.26
N THR B 147 -17.59 -58.25 -8.90
CA THR B 147 -19.01 -58.59 -8.94
C THR B 147 -19.57 -58.68 -7.54
N MSE B 148 -18.74 -59.17 -6.62
CA MSE B 148 -19.12 -59.40 -5.23
C MSE B 148 -19.19 -58.08 -4.42
O MSE B 148 -20.26 -57.77 -3.90
CB MSE B 148 -18.13 -60.37 -4.57
CG MSE B 148 -18.76 -61.26 -3.51
SE MSE B 148 -19.73 -62.73 -4.30
CE MSE B 148 -18.47 -63.23 -5.73
N THR B 149 -18.08 -57.34 -4.35
CA THR B 149 -17.94 -56.17 -3.47
C THR B 149 -17.34 -54.89 -4.10
N ILE B 150 -17.64 -53.73 -3.51
CA ILE B 150 -16.93 -52.46 -3.84
C ILE B 150 -16.08 -52.14 -2.63
N GLN B 151 -14.82 -51.77 -2.84
CA GLN B 151 -13.90 -51.68 -1.72
C GLN B 151 -12.75 -50.65 -1.95
N LEU B 152 -12.56 -49.74 -0.99
CA LEU B 152 -11.45 -48.75 -1.02
C LEU B 152 -10.20 -49.34 -0.37
N ILE B 153 -9.22 -49.71 -1.20
CA ILE B 153 -8.00 -50.36 -0.72
C ILE B 153 -7.00 -49.25 -0.31
N GLY B 154 -6.14 -49.63 0.65
CA GLY B 154 -5.15 -48.74 1.22
C GLY B 154 -5.43 -48.44 2.69
N ALA B 155 -4.50 -47.75 3.34
CA ALA B 155 -4.52 -47.64 4.78
C ALA B 155 -5.76 -46.85 5.25
N GLU B 156 -6.36 -47.27 6.35
CA GLU B 156 -7.49 -46.51 6.90
C GLU B 156 -7.04 -45.03 7.17
N SER B 157 -5.79 -44.84 7.59
CA SER B 157 -5.28 -43.48 7.80
C SER B 157 -5.37 -42.58 6.56
N ASN B 158 -4.95 -43.07 5.41
CA ASN B 158 -4.99 -42.24 4.21
C ASN B 158 -6.43 -41.95 3.81
N ILE B 159 -7.34 -42.85 4.12
CA ILE B 159 -8.80 -42.65 3.83
C ILE B 159 -9.34 -41.48 4.58
N ARG B 160 -9.05 -41.49 5.88
CA ARG B 160 -9.51 -40.43 6.76
C ARG B 160 -8.88 -39.09 6.44
N ILE B 161 -7.58 -39.08 6.06
CA ILE B 161 -6.92 -37.80 5.61
C ILE B 161 -7.60 -37.24 4.37
N PHE B 162 -7.89 -38.13 3.43
CA PHE B 162 -8.58 -37.70 2.22
C PHE B 162 -9.94 -37.08 2.60
N TYR B 163 -10.66 -37.76 3.47
CA TYR B 163 -11.98 -37.25 3.85
C TYR B 163 -11.89 -35.96 4.53
N HIS B 164 -10.83 -35.80 5.31
CA HIS B 164 -10.64 -34.51 5.97
C HIS B 164 -10.43 -33.36 4.99
N ARG B 165 -9.57 -33.53 3.99
CA ARG B 165 -9.39 -32.48 2.96
C ARG B 165 -10.74 -32.28 2.26
N LEU B 166 -11.38 -33.38 1.98
CA LEU B 166 -12.70 -33.31 1.43
C LEU B 166 -13.69 -32.44 2.25
N LEU B 167 -13.74 -32.52 3.58
CA LEU B 167 -14.93 -31.94 4.28
C LEU B 167 -14.80 -30.82 5.32
N VAL B 168 -13.57 -30.46 5.74
CA VAL B 168 -13.46 -29.33 6.67
C VAL B 168 -14.39 -28.17 6.24
N PRO B 169 -14.49 -27.87 4.94
CA PRO B 169 -15.51 -26.91 4.47
C PRO B 169 -16.96 -27.28 4.74
N PHE B 170 -17.30 -28.55 4.59
CA PHE B 170 -18.61 -29.06 4.95
C PHE B 170 -18.90 -29.26 6.48
N THR B 171 -18.02 -28.83 7.39
CA THR B 171 -18.24 -29.08 8.83
C THR B 171 -19.55 -28.52 9.41
N HIS B 172 -20.08 -27.46 8.81
CA HIS B 172 -21.37 -26.93 9.20
C HIS B 172 -22.43 -27.20 8.18
N ASN B 173 -22.34 -28.36 7.57
CA ASN B 173 -23.28 -28.80 6.59
C ASN B 173 -23.97 -30.06 7.09
N ASN B 174 -25.30 -30.12 6.93
CA ASN B 174 -26.12 -31.26 7.40
C ASN B 174 -26.24 -32.39 6.40
N TYR B 175 -25.96 -32.14 5.12
CA TYR B 175 -26.01 -33.19 4.12
C TYR B 175 -24.95 -34.22 4.42
N PHE B 176 -23.74 -33.77 4.74
CA PHE B 176 -22.67 -34.71 5.09
C PHE B 176 -22.69 -35.13 6.56
N PHE B 177 -22.85 -34.17 7.46
CA PHE B 177 -22.78 -34.43 8.87
C PHE B 177 -24.14 -34.20 9.50
N ASP B 178 -24.97 -35.24 9.46
CA ASP B 178 -26.25 -35.25 10.18
C ASP B 178 -26.15 -34.59 11.54
N ASP B 179 -26.94 -33.52 11.70
CA ASP B 179 -26.99 -32.78 12.94
C ASP B 179 -25.60 -32.45 13.53
N TYR B 180 -24.74 -31.88 12.68
CA TYR B 180 -23.40 -31.39 13.07
C TYR B 180 -23.42 -30.54 14.35
N SER B 181 -24.51 -29.81 14.51
CA SER B 181 -24.73 -28.94 15.67
CA SER B 181 -24.76 -28.95 15.68
C SER B 181 -24.57 -29.70 16.97
N ILE B 182 -25.21 -30.86 17.09
CA ILE B 182 -25.09 -31.66 18.30
C ILE B 182 -23.65 -32.09 18.49
N HIS B 183 -23.00 -32.55 17.43
CA HIS B 183 -21.70 -33.15 17.58
C HIS B 183 -20.65 -32.11 17.85
N GLU B 184 -20.79 -30.96 17.19
CA GLU B 184 -19.81 -29.92 17.34
C GLU B 184 -19.87 -29.46 18.77
N GLU B 185 -21.06 -29.45 19.33
CA GLU B 185 -21.18 -29.09 20.75
C GLU B 185 -20.23 -29.90 21.62
N HIS B 186 -20.01 -31.15 21.23
CA HIS B 186 -19.18 -32.05 22.03
C HIS B 186 -17.76 -31.61 21.90
N TYR B 187 -17.39 -31.20 20.70
CA TYR B 187 -16.04 -30.65 20.51
C TYR B 187 -15.79 -29.37 21.30
N PHE B 188 -16.79 -28.50 21.33
CA PHE B 188 -16.68 -27.28 22.17
C PHE B 188 -16.50 -27.59 23.64
N GLN B 189 -17.21 -28.58 24.18
CA GLN B 189 -16.99 -28.85 25.60
C GLN B 189 -15.61 -29.37 25.85
N PHE B 190 -15.14 -30.20 24.92
CA PHE B 190 -13.77 -30.72 24.99
C PHE B 190 -12.69 -29.61 25.05
N LEU B 191 -12.86 -28.60 24.21
CA LEU B 191 -11.98 -27.42 24.18
C LEU B 191 -12.03 -26.71 25.50
N LYS B 192 -13.24 -26.38 25.97
CA LYS B 192 -13.42 -25.81 27.32
C LYS B 192 -12.72 -26.65 28.38
N GLN B 193 -12.91 -27.95 28.44
CA GLN B 193 -12.18 -28.69 29.49
C GLN B 193 -10.68 -28.60 29.26
N VAL B 194 -10.24 -28.34 28.01
CA VAL B 194 -8.84 -28.04 27.76
C VAL B 194 -8.59 -26.54 28.09
N TYR B 195 -9.24 -25.64 27.34
CA TYR B 195 -8.98 -24.16 27.35
C TYR B 195 -9.07 -23.48 28.73
N SER B 196 -9.93 -24.01 29.57
CA SER B 196 -10.13 -23.51 30.91
C SER B 196 -8.94 -23.95 31.70
N SER B 197 -8.35 -25.04 31.27
CA SER B 197 -7.42 -25.74 32.13
C SER B 197 -5.98 -25.48 31.73
N GLU B 198 -5.04 -26.05 32.48
CA GLU B 198 -3.64 -25.69 32.29
C GLU B 198 -3.03 -26.45 31.10
N LEU B 199 -3.90 -27.02 30.27
CA LEU B 199 -3.51 -27.73 29.05
C LEU B 199 -3.80 -26.90 27.81
N THR B 200 -4.21 -25.67 28.00
CA THR B 200 -4.67 -24.82 26.89
C THR B 200 -3.60 -24.65 25.83
N VAL B 201 -4.08 -24.63 24.59
CA VAL B 201 -3.30 -24.47 23.42
C VAL B 201 -4.22 -23.90 22.35
N GLU B 202 -3.73 -22.99 21.54
CA GLU B 202 -4.52 -22.52 20.43
C GLU B 202 -4.50 -23.52 19.29
N THR B 203 -5.69 -23.77 18.73
CA THR B 203 -5.87 -24.68 17.65
C THR B 203 -6.90 -24.18 16.66
N GLU B 204 -6.88 -24.80 15.48
CA GLU B 204 -7.89 -24.59 14.50
C GLU B 204 -9.06 -25.51 14.84
N GLU B 205 -10.09 -24.90 15.40
CA GLU B 205 -11.23 -25.56 16.00
C GLU B 205 -12.11 -26.35 15.05
N ILE B 206 -12.27 -25.85 13.83
CA ILE B 206 -13.04 -26.55 12.87
C ILE B 206 -12.27 -27.67 12.19
N PHE B 207 -11.00 -27.45 11.92
CA PHE B 207 -10.15 -28.54 11.44
C PHE B 207 -10.20 -29.67 12.51
N GLY B 208 -10.18 -29.27 13.76
CA GLY B 208 -10.24 -30.20 14.88
C GLY B 208 -11.58 -30.94 14.95
N ALA B 209 -12.66 -30.17 14.85
CA ALA B 209 -14.01 -30.73 14.97
C ALA B 209 -14.26 -31.77 13.88
N CYS B 210 -13.77 -31.45 12.68
CA CYS B 210 -14.00 -32.26 11.50
C CYS B 210 -13.24 -33.59 11.63
N TRP B 211 -12.08 -33.55 12.27
CA TRP B 211 -11.36 -34.80 12.57
C TRP B 211 -12.09 -35.70 13.54
N PHE B 212 -12.61 -35.07 14.57
CA PHE B 212 -13.47 -35.72 15.51
C PHE B 212 -14.66 -36.36 14.86
N PHE B 213 -15.32 -35.66 13.94
CA PHE B 213 -16.47 -36.24 13.27
C PHE B 213 -16.02 -37.43 12.47
N ILE B 214 -14.94 -37.33 11.69
CA ILE B 214 -14.53 -38.44 10.83
C ILE B 214 -14.08 -39.63 11.66
N ASN B 215 -13.25 -39.40 12.66
CA ASN B 215 -12.83 -40.52 13.50
C ASN B 215 -14.01 -41.26 14.22
N THR B 216 -15.03 -40.51 14.63
CA THR B 216 -16.27 -41.08 15.11
C THR B 216 -16.96 -41.99 14.08
N ILE B 217 -17.18 -41.45 12.89
CA ILE B 217 -17.84 -42.15 11.84
C ILE B 217 -17.07 -43.45 11.54
N ARG B 218 -15.75 -43.36 11.39
CA ARG B 218 -15.00 -44.50 10.93
C ARG B 218 -14.97 -45.58 11.98
N ASN B 219 -14.90 -45.18 13.24
CA ASN B 219 -14.92 -46.16 14.32
C ASN B 219 -16.23 -46.92 14.47
N LYS B 220 -17.35 -46.20 14.38
CA LYS B 220 -18.69 -46.79 14.42
C LYS B 220 -18.97 -47.66 13.23
N ALA B 221 -18.30 -47.43 12.11
CA ALA B 221 -18.44 -48.26 10.92
C ALA B 221 -17.37 -49.33 10.90
N ASN B 222 -16.66 -49.50 12.01
CA ASN B 222 -15.68 -50.59 12.14
C ASN B 222 -14.47 -50.55 11.17
N CYS B 223 -14.04 -49.36 10.74
CA CYS B 223 -12.82 -49.20 9.92
C CYS B 223 -11.72 -48.67 10.86
N ARG B 224 -10.97 -49.60 11.46
CA ARG B 224 -9.90 -49.23 12.35
C ARG B 224 -8.64 -48.85 11.60
N VAL B 225 -7.92 -47.85 12.11
CA VAL B 225 -6.56 -47.61 11.67
C VAL B 225 -5.69 -48.63 12.33
N SER B 226 -4.70 -49.09 11.61
CA SER B 226 -3.51 -49.63 12.25
C SER B 226 -2.36 -49.10 11.41
N GLN B 227 -1.17 -49.64 11.61
CA GLN B 227 -0.03 -49.42 10.70
C GLN B 227 0.71 -48.09 10.98
N PHE B 228 0.93 -47.81 12.26
CA PHE B 228 1.91 -46.80 12.60
C PHE B 228 2.56 -47.09 13.94
N SER B 229 3.61 -46.32 14.21
CA SER B 229 4.44 -46.48 15.39
C SER B 229 4.11 -45.35 16.35
N PHE B 230 3.91 -45.66 17.62
CA PHE B 230 3.72 -44.61 18.64
C PHE B 230 4.03 -45.10 20.07
N ASP B 231 4.43 -44.18 20.92
CA ASP B 231 4.78 -44.51 22.28
C ASP B 231 3.60 -44.24 23.21
N SER B 232 3.09 -45.30 23.84
CA SER B 232 1.88 -45.21 24.66
C SER B 232 2.07 -44.39 25.93
N LYS B 233 3.32 -44.31 26.40
CA LYS B 233 3.65 -43.56 27.60
C LYS B 233 4.20 -42.14 27.31
N ASP B 234 4.22 -41.73 26.03
CA ASP B 234 4.48 -40.33 25.64
C ASP B 234 3.73 -39.33 26.50
N VAL B 235 4.44 -38.31 27.00
CA VAL B 235 3.88 -37.44 28.04
C VAL B 235 2.80 -36.52 27.45
N LEU B 236 2.95 -36.08 26.20
CA LEU B 236 1.91 -35.21 25.64
C LEU B 236 0.64 -36.02 25.42
N PHE B 237 0.80 -37.28 25.00
CA PHE B 237 -0.35 -38.20 24.78
C PHE B 237 -1.10 -38.48 26.08
N GLN B 238 -0.34 -38.86 27.09
CA GLN B 238 -0.89 -39.03 28.42
C GLN B 238 -1.64 -37.80 28.84
N LEU B 239 -1.04 -36.64 28.68
CA LEU B 239 -1.68 -35.41 29.13
C LEU B 239 -3.08 -35.24 28.52
N TYR B 240 -3.22 -35.54 27.25
CA TYR B 240 -4.44 -35.19 26.55
C TYR B 240 -5.43 -36.32 26.47
N GLN B 241 -4.99 -37.53 26.86
CA GLN B 241 -5.78 -38.76 26.72
C GLN B 241 -7.07 -38.70 27.49
N PRO B 242 -7.03 -38.20 28.71
CA PRO B 242 -8.27 -38.16 29.45
C PRO B 242 -9.32 -37.25 28.86
N SER B 243 -8.94 -36.06 28.43
CA SER B 243 -9.91 -35.16 27.87
C SER B 243 -10.39 -35.69 26.48
N LEU B 244 -9.51 -36.30 25.72
CA LEU B 244 -9.90 -36.89 24.45
C LEU B 244 -10.81 -38.09 24.64
N ALA B 245 -10.49 -38.94 25.61
CA ALA B 245 -11.34 -40.14 25.92
C ALA B 245 -12.71 -39.68 26.25
N LYS B 246 -12.78 -38.54 26.92
CA LYS B 246 -14.08 -37.99 27.24
C LYS B 246 -14.82 -37.34 26.07
N LEU B 247 -14.10 -36.77 25.10
CA LEU B 247 -14.74 -36.28 23.88
C LEU B 247 -15.41 -37.43 23.06
N TYR B 248 -14.65 -38.50 22.84
CA TYR B 248 -15.16 -39.71 22.15
C TYR B 248 -16.22 -40.50 22.93
N ALA B 249 -16.14 -40.44 24.27
CA ALA B 249 -17.13 -41.11 25.12
C ALA B 249 -18.44 -40.43 24.88
N SER B 250 -18.44 -39.19 24.44
CA SER B 250 -19.71 -38.50 24.26
C SER B 250 -20.42 -39.05 23.01
N GLU B 251 -19.73 -39.79 22.15
CA GLU B 251 -20.36 -40.36 20.95
C GLU B 251 -20.51 -41.89 21.14
N GLY B 252 -20.36 -42.32 22.39
CA GLY B 252 -20.35 -43.72 22.74
C GLY B 252 -19.12 -44.50 22.34
N ILE B 253 -18.02 -43.87 22.09
CA ILE B 253 -16.86 -44.61 21.62
C ILE B 253 -15.83 -44.76 22.72
N TYR B 254 -15.27 -45.96 22.80
CA TYR B 254 -14.10 -46.19 23.60
C TYR B 254 -12.93 -46.34 22.61
N LEU B 255 -11.87 -45.58 22.86
CA LEU B 255 -10.72 -45.50 21.97
C LEU B 255 -9.73 -46.64 22.23
N GLN B 256 -9.80 -47.62 21.32
CA GLN B 256 -9.03 -48.86 21.32
C GLN B 256 -7.62 -48.60 20.91
N GLY B 257 -6.81 -47.99 21.77
CA GLY B 257 -5.33 -48.15 21.63
C GLY B 257 -4.71 -47.37 20.47
N GLU B 258 -4.62 -48.01 19.29
CA GLU B 258 -4.18 -47.27 18.08
C GLU B 258 -5.10 -46.10 17.72
N GLU B 259 -6.41 -46.27 17.93
CA GLU B 259 -7.38 -45.25 17.61
C GLU B 259 -7.17 -44.13 18.59
N SER B 260 -6.70 -44.45 19.81
CA SER B 260 -6.41 -43.46 20.86
C SER B 260 -5.32 -42.50 20.43
N PHE B 261 -4.18 -43.05 20.07
CA PHE B 261 -3.09 -42.21 19.66
C PHE B 261 -3.47 -41.37 18.42
N PHE B 262 -4.26 -41.94 17.53
CA PHE B 262 -4.50 -41.32 16.21
C PHE B 262 -5.41 -40.12 16.40
N ALA B 263 -6.44 -40.28 17.25
CA ALA B 263 -7.23 -39.14 17.69
C ALA B 263 -6.37 -38.01 18.36
N PHE B 264 -5.43 -38.37 19.23
CA PHE B 264 -4.47 -37.44 19.80
C PHE B 264 -3.67 -36.71 18.74
N PHE B 265 -3.24 -37.43 17.72
CA PHE B 265 -2.45 -36.86 16.66
C PHE B 265 -3.22 -35.88 15.77
N CYS B 266 -4.46 -36.23 15.42
CA CYS B 266 -5.37 -35.33 14.72
C CYS B 266 -5.52 -33.98 15.44
N PHE B 267 -5.71 -34.04 16.75
CA PHE B 267 -5.74 -32.88 17.60
C PHE B 267 -4.44 -32.08 17.55
N LEU B 268 -3.30 -32.77 17.80
CA LEU B 268 -1.98 -32.17 17.78
C LEU B 268 -1.75 -31.48 16.45
N GLU B 269 -2.22 -32.09 15.38
CA GLU B 269 -2.01 -31.53 14.08
C GLU B 269 -2.81 -30.25 13.93
N SER B 270 -3.86 -30.03 14.71
CA SER B 270 -4.61 -28.79 14.59
C SER B 270 -3.97 -27.64 15.36
N TRP B 271 -2.84 -27.86 16.03
CA TRP B 271 -2.26 -26.82 16.89
C TRP B 271 -1.60 -25.72 16.03
N ASN B 272 -1.87 -24.43 16.30
CA ASN B 272 -1.25 -23.35 15.59
C ASN B 272 0.19 -23.14 15.95
N TYR B 273 0.89 -22.46 15.07
CA TYR B 273 2.20 -22.00 15.36
C TYR B 273 2.06 -20.60 16.02
N ASP B 274 3.16 -20.01 16.52
CA ASP B 274 3.10 -18.78 17.35
C ASP B 274 2.09 -18.93 18.49
N ASN B 275 2.22 -20.06 19.15
CA ASN B 275 1.25 -20.49 20.11
C ASN B 275 1.56 -19.99 21.51
N VAL B 276 0.53 -20.06 22.35
CA VAL B 276 0.63 -19.75 23.77
C VAL B 276 0.08 -20.92 24.55
N TYR B 277 0.86 -21.45 25.50
CA TYR B 277 0.55 -22.74 26.17
C TYR B 277 0.20 -22.49 27.64
N GLY B 278 -0.78 -23.25 28.13
CA GLY B 278 -1.10 -23.32 29.53
C GLY B 278 -0.02 -23.97 30.37
N GLU B 279 -0.12 -23.66 31.66
CA GLU B 279 0.95 -23.89 32.60
C GLU B 279 1.37 -25.33 32.60
N THR B 280 0.43 -26.27 32.56
CA THR B 280 0.77 -27.67 32.64
C THR B 280 1.38 -28.16 31.30
N LEU B 281 0.94 -27.59 30.20
CA LEU B 281 1.52 -27.94 28.90
C LEU B 281 2.93 -27.41 28.85
N ALA B 282 3.08 -26.12 29.16
CA ALA B 282 4.40 -25.48 29.18
C ALA B 282 5.37 -26.26 30.04
N SER B 283 4.93 -26.67 31.21
CA SER B 283 5.83 -27.38 32.13
C SER B 283 6.28 -28.74 31.57
N ALA B 284 5.37 -29.41 30.88
CA ALA B 284 5.70 -30.66 30.17
C ALA B 284 6.74 -30.38 29.09
N LEU B 285 6.46 -29.37 28.27
CA LEU B 285 7.38 -28.99 27.23
C LEU B 285 8.76 -28.71 27.76
N HIS B 286 8.85 -27.88 28.80
CA HIS B 286 10.13 -27.55 29.37
C HIS B 286 10.80 -28.81 29.96
N THR B 287 10.04 -29.67 30.63
CA THR B 287 10.65 -30.83 31.27
C THR B 287 11.09 -31.94 30.30
N HIS B 288 10.44 -32.09 29.16
CA HIS B 288 10.83 -33.16 28.22
C HIS B 288 11.52 -32.74 26.94
N TYR B 289 11.67 -31.44 26.69
CA TYR B 289 12.28 -31.04 25.42
C TYR B 289 13.27 -29.92 25.58
N SER B 290 13.72 -29.66 26.81
CA SER B 290 14.62 -28.53 26.98
C SER B 290 15.90 -28.75 26.21
N GLN B 291 16.37 -29.98 26.13
CA GLN B 291 17.59 -30.28 25.39
C GLN B 291 17.37 -30.01 23.91
N LEU B 292 16.25 -30.49 23.38
CA LEU B 292 15.95 -30.24 21.98
C LEU B 292 15.89 -28.72 21.72
N ARG B 293 15.28 -27.98 22.66
CA ARG B 293 15.19 -26.54 22.52
C ARG B 293 16.59 -25.96 22.50
N LYS B 294 17.46 -26.50 23.34
CA LYS B 294 18.84 -26.05 23.36
C LYS B 294 19.49 -26.25 21.96
N SER B 295 19.28 -27.42 21.35
CA SER B 295 19.80 -27.72 20.02
C SER B 295 19.16 -26.93 18.87
N LEU B 296 17.89 -26.60 18.95
CA LEU B 296 17.31 -25.74 17.90
C LEU B 296 17.77 -24.30 18.03
N GLN B 297 18.20 -23.94 19.23
CA GLN B 297 18.67 -22.59 19.49
C GLN B 297 20.05 -22.43 18.88
N GLN B 298 20.90 -23.41 19.06
CA GLN B 298 22.17 -23.39 18.35
C GLN B 298 21.89 -23.28 16.86
N PHE B 299 20.94 -24.08 16.35
CA PHE B 299 20.61 -24.06 14.93
C PHE B 299 20.18 -22.69 14.47
N VAL B 300 19.21 -22.07 15.15
CA VAL B 300 18.77 -20.71 14.76
C VAL B 300 19.91 -19.70 14.72
N THR B 301 20.86 -19.81 15.64
CA THR B 301 22.03 -18.91 15.65
C THR B 301 22.92 -19.15 14.45
N ASN B 302 23.32 -20.41 14.28
CA ASN B 302 24.14 -20.82 13.15
C ASN B 302 23.48 -20.55 11.81
N LEU B 303 22.15 -20.59 11.76
CA LEU B 303 21.40 -20.19 10.57
C LEU B 303 21.39 -18.66 10.39
N SER B 304 21.27 -17.93 11.49
CA SER B 304 21.29 -16.47 11.45
C SER B 304 22.63 -15.86 10.98
N THR B 305 23.74 -16.54 11.23
CA THR B 305 25.03 -16.12 10.68
C THR B 305 25.25 -16.71 9.28
N GLU B 306 24.70 -17.89 9.02
CA GLU B 306 24.76 -18.46 7.66
C GLU B 306 24.15 -17.54 6.57
N GLU B 307 23.37 -16.53 6.96
CA GLU B 307 23.01 -15.40 6.06
C GLU B 307 22.41 -14.20 6.84
N ASP B 311 20.33 -12.36 13.70
CA ASP B 311 19.16 -11.56 14.01
C ASP B 311 17.78 -12.29 13.83
N LEU B 312 17.84 -13.50 13.30
CA LEU B 312 16.68 -14.40 13.33
C LEU B 312 16.22 -14.69 14.77
N ILE B 313 17.12 -14.60 15.74
CA ILE B 313 16.79 -14.96 17.13
C ILE B 313 15.78 -14.04 17.75
N GLN B 314 15.52 -12.90 17.14
CA GLN B 314 14.39 -12.03 17.53
C GLN B 314 13.02 -12.58 17.10
N THR B 315 13.04 -13.67 16.32
CA THR B 315 11.84 -14.08 15.67
C THR B 315 11.35 -15.12 16.59
N ASN B 316 10.23 -15.69 16.20
CA ASN B 316 9.73 -16.82 16.89
C ASN B 316 10.15 -18.16 16.27
N LEU B 317 11.14 -18.13 15.39
CA LEU B 317 11.55 -19.33 14.71
C LEU B 317 11.80 -20.55 15.65
N LEU B 318 12.57 -20.35 16.71
CA LEU B 318 12.90 -21.36 17.71
C LEU B 318 11.69 -22.13 18.23
N ASP B 319 10.73 -21.44 18.83
CA ASP B 319 9.54 -22.13 19.33
C ASP B 319 8.71 -22.77 18.26
N ASN B 320 8.62 -22.15 17.10
CA ASN B 320 7.84 -22.74 16.04
C ASN B 320 8.52 -24.05 15.55
N LEU B 321 9.84 -24.06 15.43
CA LEU B 321 10.56 -25.29 15.10
C LEU B 321 10.41 -26.36 16.19
N LEU B 322 10.39 -25.93 17.45
CA LEU B 322 10.18 -26.87 18.54
C LEU B 322 8.85 -27.56 18.33
N LEU B 323 7.82 -26.78 17.99
CA LEU B 323 6.51 -27.34 17.74
C LEU B 323 6.51 -28.28 16.53
N LEU B 324 7.21 -27.92 15.50
CA LEU B 324 7.29 -28.79 14.36
C LEU B 324 7.88 -30.14 14.75
N PHE B 325 8.96 -30.07 15.50
CA PHE B 325 9.70 -31.25 16.00
C PHE B 325 8.82 -32.05 16.91
N ILE B 326 7.98 -31.40 17.70
CA ILE B 326 7.07 -32.08 18.58
C ILE B 326 6.05 -32.86 17.74
N LYS B 327 5.41 -32.22 16.76
CA LYS B 327 4.41 -32.96 15.93
C LYS B 327 5.10 -34.15 15.27
N TYR B 328 6.23 -33.90 14.68
CA TYR B 328 6.86 -34.95 13.91
C TYR B 328 7.29 -36.16 14.74
N THR B 329 7.98 -35.90 15.84
CA THR B 329 8.51 -36.98 16.70
C THR B 329 7.44 -37.83 17.34
N GLU B 330 6.19 -37.35 17.35
CA GLU B 330 5.07 -38.12 17.81
C GLU B 330 4.75 -39.24 16.86
N SER B 331 5.00 -39.03 15.55
CA SER B 331 4.85 -40.11 14.54
C SER B 331 5.31 -39.65 13.18
N PRO B 332 6.51 -39.99 12.81
CA PRO B 332 6.86 -39.58 11.44
C PRO B 332 6.02 -40.19 10.36
N THR B 333 5.52 -41.38 10.56
CA THR B 333 4.66 -42.01 9.56
C THR B 333 3.40 -41.17 9.38
N LEU B 334 2.73 -40.90 10.48
CA LEU B 334 1.50 -40.13 10.39
C LEU B 334 1.80 -38.69 9.85
N SER B 335 2.88 -38.06 10.34
CA SER B 335 3.27 -36.71 9.89
C SER B 335 3.40 -36.63 8.40
N GLU B 336 4.04 -37.61 7.79
CA GLU B 336 4.25 -37.58 6.35
C GLU B 336 2.97 -37.84 5.60
N GLN B 337 2.10 -38.70 6.11
CA GLN B 337 0.84 -39.04 5.43
C GLN B 337 -0.15 -37.86 5.44
N PHE B 338 -0.22 -37.16 6.57
CA PHE B 338 -0.96 -35.91 6.68
C PHE B 338 -0.49 -34.81 5.71
N GLN B 339 0.75 -34.80 5.27
CA GLN B 339 1.13 -33.89 4.21
C GLN B 339 0.30 -34.11 2.92
N LEU B 340 -0.22 -35.29 2.69
CA LEU B 340 -1.07 -35.52 1.52
C LEU B 340 -2.20 -34.48 1.43
N GLU B 341 -2.70 -34.05 2.59
CA GLU B 341 -3.78 -33.06 2.62
C GLU B 341 -3.54 -31.70 1.90
N TYR B 342 -2.33 -31.19 1.97
CA TYR B 342 -2.03 -29.89 1.40
C TYR B 342 -0.95 -29.97 0.30
N GLN B 343 -0.86 -31.13 -0.38
CA GLN B 343 0.07 -31.30 -1.52
C GLN B 343 0.22 -30.08 -2.42
N GLU B 344 -0.92 -29.49 -2.79
CA GLU B 344 -0.98 -28.24 -3.55
C GLU B 344 -0.13 -27.18 -2.90
N LEU B 345 -0.52 -26.76 -1.72
CA LEU B 345 0.15 -25.67 -1.09
C LEU B 345 1.63 -25.84 -1.31
N MSE B 346 2.21 -26.87 -0.70
CA MSE B 346 3.68 -26.96 -0.60
C MSE B 346 4.39 -27.09 -1.93
O MSE B 346 5.27 -26.28 -2.21
CB MSE B 346 4.14 -28.08 0.36
CG MSE B 346 4.79 -27.56 1.65
SE MSE B 346 3.58 -26.77 2.98
CE MSE B 346 2.96 -25.25 1.93
N THR B 347 4.00 -28.06 -2.77
CA THR B 347 4.75 -28.32 -4.02
C THR B 347 4.93 -27.05 -4.86
N GLU B 348 4.24 -25.97 -4.50
CA GLU B 348 4.66 -24.61 -4.89
C GLU B 348 4.52 -23.61 -3.73
N GLN B 349 5.64 -23.31 -3.08
CA GLN B 349 5.78 -22.11 -2.25
C GLN B 349 7.27 -22.02 -1.90
N LEU B 356 17.53 -23.03 1.62
CA LEU B 356 18.04 -23.21 2.99
C LEU B 356 18.31 -24.70 3.19
N SER B 357 18.42 -25.42 2.08
CA SER B 357 18.38 -26.88 2.11
C SER B 357 19.57 -27.47 2.87
N LYS B 358 20.73 -26.82 2.75
CA LYS B 358 21.97 -27.38 3.30
C LYS B 358 21.94 -27.31 4.84
N SER B 359 21.66 -26.12 5.39
CA SER B 359 21.40 -26.00 6.83
C SER B 359 20.50 -27.13 7.37
N ASN B 360 19.41 -27.36 6.67
CA ASN B 360 18.42 -28.31 7.12
C ASN B 360 18.90 -29.75 7.34
N GLN B 361 20.11 -30.04 6.84
CA GLN B 361 20.78 -31.29 7.19
C GLN B 361 21.11 -31.37 8.69
N GLU B 362 21.52 -30.24 9.29
CA GLU B 362 21.62 -30.17 10.77
C GLU B 362 20.24 -30.43 11.42
N LEU B 363 19.20 -29.78 10.88
CA LEU B 363 17.84 -30.03 11.38
C LEU B 363 17.49 -31.51 11.40
N LEU B 364 17.82 -32.21 10.30
CA LEU B 364 17.58 -33.65 10.22
C LEU B 364 18.40 -34.44 11.19
N GLU B 365 19.67 -34.03 11.38
CA GLU B 365 20.57 -34.74 12.31
C GLU B 365 20.04 -34.56 13.72
N ILE B 366 19.68 -33.31 14.06
CA ILE B 366 19.00 -33.04 15.33
C ILE B 366 17.77 -33.92 15.38
N LEU B 367 16.94 -33.83 14.35
CA LEU B 367 15.71 -34.62 14.31
C LEU B 367 15.95 -36.09 14.61
N SER B 368 17.06 -36.63 14.10
CA SER B 368 17.36 -38.06 14.19
C SER B 368 17.64 -38.57 15.61
N ARG B 369 17.95 -37.67 16.53
CA ARG B 369 18.26 -38.02 17.93
C ARG B 369 16.97 -38.36 18.70
N TYR B 370 15.83 -37.96 18.16
CA TYR B 370 14.53 -38.13 18.80
C TYR B 370 13.62 -39.10 18.09
N THR B 371 13.91 -39.40 16.83
CA THR B 371 12.95 -40.19 16.06
C THR B 371 13.53 -40.62 14.76
N THR B 372 12.82 -41.53 14.12
CA THR B 372 13.21 -41.97 12.79
C THR B 372 12.96 -40.86 11.75
N ILE B 373 13.74 -40.91 10.68
CA ILE B 373 13.81 -39.83 9.70
C ILE B 373 13.86 -40.40 8.29
N GLU B 374 13.04 -41.43 8.01
CA GLU B 374 13.20 -42.20 6.76
C GLU B 374 13.07 -41.36 5.46
N GLU B 375 11.90 -40.81 5.19
CA GLU B 375 11.71 -40.04 3.96
C GLU B 375 11.04 -38.81 4.50
N PRO B 376 11.85 -37.87 4.99
CA PRO B 376 11.25 -36.78 5.76
C PRO B 376 10.93 -35.55 4.90
N THR B 377 10.32 -35.76 3.74
CA THR B 377 10.00 -34.70 2.77
C THR B 377 9.09 -33.53 3.30
N TYR B 378 8.09 -33.87 4.08
CA TYR B 378 7.16 -32.86 4.49
C TYR B 378 7.86 -31.99 5.52
N PHE B 379 8.27 -32.63 6.63
CA PHE B 379 9.09 -32.01 7.66
C PHE B 379 10.03 -30.95 7.07
N LEU B 380 10.68 -31.28 5.98
CA LEU B 380 11.59 -30.35 5.33
C LEU B 380 10.84 -29.16 4.68
N SER B 381 9.66 -29.41 4.14
CA SER B 381 8.88 -28.30 3.59
C SER B 381 8.26 -27.44 4.71
N LEU B 382 7.78 -28.06 5.76
CA LEU B 382 7.26 -27.28 6.85
C LEU B 382 8.36 -26.38 7.41
N ALA B 383 9.54 -26.97 7.67
CA ALA B 383 10.66 -26.28 8.29
C ALA B 383 11.04 -25.10 7.46
N SER B 384 11.06 -25.28 6.16
CA SER B 384 11.36 -24.18 5.23
C SER B 384 10.31 -23.07 5.28
N LEU B 385 9.06 -23.42 5.44
CA LEU B 385 8.01 -22.40 5.51
C LEU B 385 8.11 -21.58 6.82
N LEU B 386 8.58 -22.18 7.90
CA LEU B 386 8.71 -21.46 9.18
C LEU B 386 9.89 -20.50 9.09
N GLU B 387 11.01 -20.98 8.54
CA GLU B 387 12.22 -20.16 8.30
C GLU B 387 11.79 -18.95 7.51
N LYS B 388 11.11 -19.20 6.39
CA LYS B 388 10.63 -18.14 5.51
C LYS B 388 9.87 -17.10 6.27
N GLN B 389 8.84 -17.48 7.01
CA GLN B 389 8.12 -16.47 7.80
C GLN B 389 8.97 -15.83 8.89
N ALA B 390 9.89 -16.56 9.48
CA ALA B 390 10.70 -15.93 10.47
C ALA B 390 11.56 -14.84 9.71
N ILE B 391 12.19 -15.21 8.61
CA ILE B 391 13.05 -14.25 7.88
C ILE B 391 12.23 -13.05 7.42
N TYR B 392 11.04 -13.34 6.91
CA TYR B 392 10.11 -12.32 6.45
C TYR B 392 9.89 -11.24 7.51
N SER B 393 9.61 -11.62 8.75
CA SER B 393 9.30 -10.63 9.79
C SER B 393 10.48 -9.75 10.21
N ILE B 394 11.65 -10.00 9.67
CA ILE B 394 12.86 -9.35 10.16
C ILE B 394 13.73 -8.67 9.08
N GLN B 395 13.32 -8.81 7.82
CA GLN B 395 13.92 -8.13 6.66
C GLN B 395 13.73 -6.59 6.68
N ALA B 396 12.63 -6.12 7.28
CA ALA B 396 12.17 -4.72 7.16
C ALA B 396 11.86 -4.25 5.69
N GLN B 397 12.79 -3.58 4.98
CA GLN B 397 12.38 -2.91 3.73
C GLN B 397 12.93 -3.54 2.46
N THR B 398 12.06 -4.02 1.59
CA THR B 398 12.54 -4.79 0.44
C THR B 398 12.46 -4.01 -0.86
N MSE B 399 11.60 -3.00 -0.90
CA MSE B 399 11.62 -2.03 -1.98
C MSE B 399 11.49 -0.57 -1.46
O MSE B 399 10.93 -0.28 -0.37
CB MSE B 399 10.48 -2.32 -2.98
CG MSE B 399 9.12 -2.13 -2.38
SE MSE B 399 7.74 -2.39 -3.71
CE MSE B 399 8.07 -0.83 -4.76
N THR B 400 12.02 0.33 -2.28
CA THR B 400 11.88 1.77 -2.06
C THR B 400 11.01 2.45 -3.10
N ALA B 401 10.03 3.21 -2.60
CA ALA B 401 9.26 4.12 -3.42
C ALA B 401 9.82 5.51 -3.19
N TYR B 402 10.56 6.01 -4.15
CA TYR B 402 10.99 7.39 -4.06
C TYR B 402 9.76 8.29 -4.30
N PHE B 403 9.70 9.36 -3.52
CA PHE B 403 8.54 10.22 -3.54
C PHE B 403 8.88 11.66 -3.91
N LEU B 404 8.56 12.01 -5.16
CA LEU B 404 8.79 13.35 -5.70
C LEU B 404 7.45 14.09 -5.77
N PHE B 405 7.33 15.13 -4.97
CA PHE B 405 6.13 15.92 -4.93
C PHE B 405 6.42 17.40 -4.98
N GLN B 406 5.69 18.10 -5.84
CA GLN B 406 5.65 19.55 -5.78
C GLN B 406 4.13 19.91 -5.82
N GLY B 407 3.80 21.04 -5.23
CA GLY B 407 2.42 21.31 -4.91
C GLY B 407 2.39 21.89 -3.54
N GLU B 408 1.20 21.93 -2.95
CA GLU B 408 0.95 22.57 -1.65
C GLU B 408 1.66 21.81 -0.54
N PRO B 409 2.63 22.45 0.13
CA PRO B 409 3.34 21.77 1.20
C PRO B 409 2.47 21.09 2.25
N ALA B 410 1.33 21.64 2.62
CA ALA B 410 0.50 20.94 3.64
C ALA B 410 0.04 19.58 3.12
N TRP B 411 -0.28 19.57 1.85
CA TRP B 411 -0.75 18.39 1.16
CA TRP B 411 -0.73 18.39 1.15
C TRP B 411 0.39 17.38 1.02
N LYS B 412 1.56 17.85 0.68
CA LYS B 412 2.75 17.01 0.63
C LYS B 412 2.84 16.25 1.90
N ALA B 413 2.74 16.89 3.07
CA ALA B 413 3.09 16.17 4.30
C ALA B 413 2.06 15.11 4.68
N PHE B 414 0.79 15.44 4.49
CA PHE B 414 -0.33 14.54 4.73
C PHE B 414 -0.16 13.31 3.79
N LEU B 415 -0.07 13.59 2.50
CA LEU B 415 -0.02 12.57 1.48
C LEU B 415 1.19 11.64 1.63
N GLN B 416 2.36 12.19 1.87
CA GLN B 416 3.51 11.37 2.23
C GLN B 416 3.20 10.40 3.39
N GLN B 417 2.50 10.89 4.41
CA GLN B 417 2.19 10.08 5.55
C GLN B 417 1.21 8.99 5.19
N GLU B 418 0.17 9.33 4.48
CA GLU B 418 -0.81 8.33 4.22
C GLU B 418 -0.31 7.28 3.21
N LEU B 419 0.48 7.67 2.20
CA LEU B 419 1.12 6.71 1.30
C LEU B 419 1.98 5.72 2.05
N ALA B 420 2.75 6.24 2.98
CA ALA B 420 3.70 5.46 3.74
C ALA B 420 2.97 4.36 4.51
N ALA B 421 1.81 4.71 5.06
CA ALA B 421 1.02 3.83 5.90
C ALA B 421 0.35 2.76 5.02
N TYR B 422 -0.37 3.18 4.02
CA TYR B 422 -0.98 2.31 3.02
C TYR B 422 -0.04 1.28 2.33
N LEU B 423 1.14 1.75 1.94
CA LEU B 423 2.14 0.91 1.30
C LEU B 423 2.71 -0.14 2.26
N GLY B 424 2.70 0.19 3.55
CA GLY B 424 3.14 -0.73 4.57
C GLY B 424 4.61 -0.67 4.92
N THR B 425 4.97 -1.43 5.93
CA THR B 425 6.28 -1.37 6.57
C THR B 425 7.34 -2.05 5.77
N ARG B 426 6.98 -2.90 4.83
CA ARG B 426 8.04 -3.53 4.03
C ARG B 426 8.46 -2.63 2.87
N VAL B 427 7.84 -1.46 2.75
CA VAL B 427 8.16 -0.52 1.67
C VAL B 427 8.67 0.83 2.19
N LYS B 428 9.87 1.23 1.77
CA LYS B 428 10.43 2.52 2.12
C LYS B 428 9.87 3.67 1.22
N LEU B 429 9.10 4.57 1.84
CA LEU B 429 8.74 5.84 1.21
C LEU B 429 9.78 6.88 1.50
N GLN B 430 10.59 7.25 0.53
CA GLN B 430 11.60 8.27 0.73
C GLN B 430 11.29 9.47 -0.14
N ALA B 431 11.11 10.63 0.49
CA ALA B 431 10.93 11.88 -0.24
C ALA B 431 12.27 12.27 -0.79
N ILE B 432 12.31 12.56 -2.07
CA ILE B 432 13.47 13.14 -2.69
C ILE B 432 13.04 14.41 -3.42
N GLU B 433 14.01 15.31 -3.64
CA GLU B 433 13.89 16.40 -4.62
C GLU B 433 14.38 15.97 -6.01
N TYR B 434 14.11 16.78 -7.01
CA TYR B 434 14.45 16.43 -8.38
C TYR B 434 15.95 16.23 -8.54
N VAL B 435 16.74 17.07 -7.88
CA VAL B 435 18.20 16.89 -7.72
C VAL B 435 18.63 15.43 -7.79
N GLU B 436 18.18 14.63 -6.84
CA GLU B 436 18.75 13.28 -6.60
C GLU B 436 18.28 12.16 -7.53
N LEU B 437 17.30 12.44 -8.39
CA LEU B 437 16.84 11.48 -9.40
C LEU B 437 17.98 10.91 -10.27
N SER B 438 18.90 11.77 -10.71
CA SER B 438 20.06 11.32 -11.51
C SER B 438 21.01 10.47 -10.67
N GLN B 439 21.12 10.79 -9.38
CA GLN B 439 21.99 10.05 -8.45
C GLN B 439 21.22 8.98 -7.65
N LEU B 440 20.18 8.40 -8.26
CA LEU B 440 19.55 7.23 -7.65
C LEU B 440 20.23 5.99 -8.23
N THR B 441 20.70 5.16 -7.30
CA THR B 441 21.08 3.79 -7.55
C THR B 441 19.85 2.97 -7.13
N LEU B 442 19.17 2.47 -8.15
CA LEU B 442 17.77 2.07 -8.08
C LEU B 442 17.64 0.58 -8.44
N ASN B 443 16.90 -0.19 -7.64
CA ASN B 443 16.83 -1.65 -7.81
C ASN B 443 15.55 -2.15 -8.48
N GLU B 444 15.51 -3.44 -8.77
CA GLU B 444 14.41 -4.08 -9.51
C GLU B 444 13.04 -3.65 -9.03
N ALA B 445 12.88 -3.64 -7.73
CA ALA B 445 11.57 -3.47 -7.15
C ALA B 445 11.14 -2.00 -7.12
N ASP B 446 12.11 -1.09 -7.18
CA ASP B 446 11.86 0.31 -6.82
C ASP B 446 11.00 1.05 -7.83
N ILE B 447 10.15 1.93 -7.31
CA ILE B 447 9.33 2.81 -8.11
C ILE B 447 9.63 4.26 -7.73
N ILE B 448 9.23 5.18 -8.58
CA ILE B 448 9.30 6.59 -8.29
C ILE B 448 7.84 7.01 -8.28
N ILE B 449 7.35 7.50 -7.15
CA ILE B 449 5.99 8.01 -7.11
C ILE B 449 6.06 9.53 -7.25
N SER B 450 5.22 10.11 -8.10
CA SER B 450 5.32 11.55 -8.42
C SER B 450 4.08 12.26 -8.99
N ASN B 451 4.21 13.59 -9.03
CA ASN B 451 3.33 14.51 -9.83
C ASN B 451 4.10 15.70 -10.43
N PHE B 452 5.42 15.62 -10.51
CA PHE B 452 6.12 16.37 -11.50
C PHE B 452 6.68 15.41 -12.52
N PRO B 453 6.73 15.85 -13.79
CA PRO B 453 6.74 14.88 -14.88
C PRO B 453 8.06 14.14 -15.02
N HIS B 456 12.39 12.52 -18.33
CA HIS B 456 13.02 11.39 -19.01
C HIS B 456 12.02 10.22 -19.13
N LEU B 457 11.78 9.80 -20.37
CA LEU B 457 10.73 8.85 -20.76
C LEU B 457 10.80 7.49 -20.06
N ASP B 458 11.91 6.80 -20.24
CA ASP B 458 12.03 5.38 -19.84
C ASP B 458 12.44 5.35 -18.38
N LEU B 459 11.47 5.45 -17.47
CA LEU B 459 11.69 5.36 -16.02
C LEU B 459 10.55 4.66 -15.31
N PRO B 460 10.84 4.04 -14.16
CA PRO B 460 9.89 3.26 -13.38
C PRO B 460 8.95 4.14 -12.57
N VAL B 461 8.32 5.08 -13.26
CA VAL B 461 7.52 6.11 -12.62
C VAL B 461 6.10 5.61 -12.44
N PHE B 462 5.47 6.11 -11.40
CA PHE B 462 4.06 5.87 -11.20
C PHE B 462 3.47 7.23 -10.89
N TYR B 463 2.71 7.75 -11.84
CA TYR B 463 2.20 9.09 -11.74
C TYR B 463 0.93 9.10 -10.90
N LEU B 464 0.94 9.94 -9.88
CA LEU B 464 -0.11 10.03 -8.87
C LEU B 464 -0.84 11.34 -9.11
N SER B 465 -2.16 11.36 -8.91
CA SER B 465 -2.92 12.59 -9.14
C SER B 465 -3.07 13.24 -7.81
N LEU B 466 -3.03 14.58 -7.77
CA LEU B 466 -2.91 15.28 -6.49
C LEU B 466 -3.92 14.88 -5.43
N ILE B 467 -5.10 14.37 -5.81
CA ILE B 467 -5.87 13.46 -4.91
C ILE B 467 -5.97 12.14 -5.63
N PRO B 468 -5.19 11.14 -5.20
CA PRO B 468 -5.22 9.84 -5.89
C PRO B 468 -6.60 9.16 -5.90
N THR B 469 -7.00 8.65 -7.07
CA THR B 469 -8.23 7.88 -7.23
C THR B 469 -8.07 6.46 -6.74
N LYS B 470 -9.17 5.95 -6.19
CA LYS B 470 -9.32 4.54 -5.83
C LYS B 470 -8.55 3.71 -6.86
N ASN B 471 -8.75 4.03 -8.12
CA ASN B 471 -8.13 3.32 -9.19
C ASN B 471 -6.60 3.27 -9.16
N GLU B 472 -5.96 4.42 -8.99
CA GLU B 472 -4.50 4.45 -8.96
C GLU B 472 -3.96 3.97 -7.62
N LEU B 473 -4.82 3.94 -6.59
CA LEU B 473 -4.45 3.31 -5.33
C LEU B 473 -4.48 1.77 -5.40
N ARG B 474 -5.30 1.23 -6.28
CA ARG B 474 -5.31 -0.19 -6.59
C ARG B 474 -4.00 -0.59 -7.28
N ARG B 475 -3.64 0.16 -8.29
CA ARG B 475 -2.44 -0.15 -9.07
C ARG B 475 -1.19 -0.12 -8.16
N LEU B 476 -1.18 0.80 -7.20
CA LEU B 476 0.00 1.01 -6.39
C LEU B 476 0.22 -0.18 -5.46
N ALA B 477 -0.90 -0.64 -4.86
CA ALA B 477 -0.92 -1.87 -4.10
C ALA B 477 -0.32 -3.00 -4.93
N GLU B 478 -0.73 -3.11 -6.20
CA GLU B 478 -0.22 -4.16 -7.09
C GLU B 478 1.30 -4.12 -7.24
N LEU B 479 1.88 -2.93 -7.32
CA LEU B 479 3.31 -2.83 -7.50
C LEU B 479 4.05 -3.38 -6.29
N THR B 480 3.42 -3.35 -5.13
CA THR B 480 4.05 -3.81 -3.91
C THR B 480 3.96 -5.33 -3.68
N LEU B 481 3.15 -6.03 -4.48
CA LEU B 481 2.78 -7.45 -4.18
C LEU B 481 3.96 -8.42 -4.12
N HIS B 482 5.01 -8.17 -4.87
CA HIS B 482 6.19 -9.06 -4.88
C HIS B 482 7.09 -8.76 -3.70
N SER B 483 6.77 -7.72 -2.95
CA SER B 483 7.49 -7.46 -1.71
CA SER B 483 7.48 -7.43 -1.72
C SER B 483 6.70 -7.95 -0.52
N TYR B 484 5.44 -8.32 -0.73
CA TYR B 484 4.63 -8.82 0.37
C TYR B 484 4.28 -10.28 0.29
N PHE B 485 4.17 -10.82 -0.92
CA PHE B 485 3.91 -12.23 -1.06
C PHE B 485 4.97 -12.89 -1.95
#